data_8B1V
#
_entry.id   8B1V
#
_cell.length_a   72.888
_cell.length_b   79.624
_cell.length_c   130.801
_cell.angle_alpha   90.000
_cell.angle_beta   90.000
_cell.angle_gamma   90.000
#
_symmetry.space_group_name_H-M   'P 21 21 21'
#
loop_
_entity.id
_entity.type
_entity.pdbx_description
1 polymer 'Dihydroprecondylocarpine acetate synthase 2'
2 non-polymer 'precondylocarpine acetate'
3 non-polymer 'ZINC ION'
4 water water
#
_entity_poly.entity_id   1
_entity_poly.type   'polypeptide(L)'
_entity_poly.pdbx_seq_one_letter_code
;MAGKSPEEEHPVKAYGWAVKDRTTGILSPFKFSRRATGDNDIRIKILYCGICHTDLTSVKNEYEFLSYPLVPGMEIVGIA
TEVGSKVTKIKVGEKVAVAAYLGTCGKCYNCVNDLENYCPEVIIGYGTPYHDGTINYGGLSNETVVNERFVLRFPEKLSP
AGGAPLLSAGITAYSAMRNHGLDKPGIHLGVVGLGGLGHLAVKFAKAFGVRVTVISTTPSKKDEAINNLGADAFLFSRDD
KQMRAAIGTFDAIIDTLAVVHPIAPLLDLLRSHGKLVLVGAPSKPLELPTIPLLSGGKSLIGSAAGNVKQTQEMLDFAAE
HDITANIEVIPIDYINTAMERLDKGDIRFRFVVDIENTLTPPPEP
;
_entity_poly.pdbx_strand_id   A,B
#
# COMPACT_ATOMS: atom_id res chain seq x y z
N SER A 5 20.70 39.26 -7.29
CA SER A 5 19.29 39.61 -7.52
C SER A 5 18.67 38.71 -8.59
N PRO A 6 17.39 38.38 -8.41
CA PRO A 6 16.72 37.53 -9.41
C PRO A 6 16.77 38.08 -10.83
N GLU A 7 16.65 39.40 -11.00
CA GLU A 7 16.67 39.97 -12.35
C GLU A 7 18.06 39.92 -12.98
N GLU A 8 19.11 39.85 -12.17
CA GLU A 8 20.48 39.78 -12.67
C GLU A 8 21.03 38.36 -12.73
N GLU A 9 20.34 37.40 -12.12
CA GLU A 9 20.85 36.03 -12.02
C GLU A 9 21.16 35.42 -13.37
N HIS A 10 20.35 35.70 -14.38
CA HIS A 10 20.41 35.07 -15.68
C HIS A 10 20.41 36.13 -16.76
N PRO A 11 20.80 35.78 -18.00
CA PRO A 11 20.92 36.81 -19.04
C PRO A 11 19.60 37.31 -19.61
N VAL A 12 18.56 36.49 -19.70
CA VAL A 12 17.31 36.87 -20.35
C VAL A 12 16.29 37.28 -19.30
N LYS A 13 15.75 38.50 -19.45
CA LYS A 13 14.79 39.03 -18.48
C LYS A 13 13.44 38.34 -18.61
N ALA A 14 12.76 38.17 -17.48
CA ALA A 14 11.43 37.59 -17.46
C ALA A 14 10.61 38.24 -16.35
N TYR A 15 9.31 38.00 -16.39
CA TYR A 15 8.43 38.61 -15.39
C TYR A 15 7.21 37.73 -15.18
N GLY A 16 6.62 37.85 -14.00
CA GLY A 16 5.41 37.12 -13.68
C GLY A 16 4.85 37.60 -12.35
N TRP A 17 4.18 36.70 -11.64
CA TRP A 17 3.69 36.98 -10.30
C TRP A 17 4.28 35.96 -9.33
N ALA A 18 4.62 36.42 -8.14
CA ALA A 18 5.33 35.59 -7.18
C ALA A 18 4.84 35.89 -5.78
N VAL A 19 4.92 34.89 -4.91
CA VAL A 19 4.77 35.10 -3.47
C VAL A 19 6.11 35.61 -2.95
N LYS A 20 6.18 36.90 -2.65
CA LYS A 20 7.42 37.48 -2.14
C LYS A 20 7.58 37.23 -0.65
N ASP A 21 6.47 37.32 0.10
CA ASP A 21 6.45 37.12 1.55
C ASP A 21 5.72 35.82 1.84
N ARG A 22 6.48 34.77 2.20
CA ARG A 22 5.88 33.45 2.37
C ARG A 22 4.87 33.41 3.49
N THR A 23 4.93 34.33 4.44
CA THR A 23 4.01 34.30 5.57
C THR A 23 2.62 34.84 5.22
N THR A 24 2.49 35.60 4.13
CA THR A 24 1.17 36.06 3.70
C THR A 24 0.58 35.25 2.57
N GLY A 25 1.41 34.73 1.66
CA GLY A 25 0.93 33.98 0.53
C GLY A 25 0.37 34.82 -0.60
N ILE A 26 0.56 36.13 -0.57
CA ILE A 26 -0.01 37.03 -1.57
C ILE A 26 0.95 37.12 -2.75
N LEU A 27 0.43 36.90 -3.95
CA LEU A 27 1.22 37.04 -5.17
C LEU A 27 1.18 38.48 -5.66
N SER A 28 2.30 38.94 -6.20
CA SER A 28 2.41 40.29 -6.72
C SER A 28 3.34 40.27 -7.93
N PRO A 29 3.26 41.27 -8.80
CA PRO A 29 4.16 41.32 -9.96
C PRO A 29 5.62 41.19 -9.55
N PHE A 30 6.40 40.52 -10.40
CA PHE A 30 7.73 40.08 -10.05
C PHE A 30 8.62 40.03 -11.28
N LYS A 31 9.75 40.73 -11.24
CA LYS A 31 10.74 40.68 -12.30
C LYS A 31 11.84 39.70 -11.94
N PHE A 32 12.30 38.93 -12.92
CA PHE A 32 13.39 38.00 -12.71
C PHE A 32 14.04 37.73 -14.05
N SER A 33 14.76 36.61 -14.16
CA SER A 33 15.48 36.29 -15.37
C SER A 33 15.49 34.78 -15.56
N ARG A 34 15.72 34.37 -16.80
CA ARG A 34 15.80 32.95 -17.15
C ARG A 34 17.10 32.70 -17.89
N ARG A 35 17.62 31.48 -17.74
CA ARG A 35 18.88 31.11 -18.36
C ARG A 35 18.81 31.25 -19.88
N ALA A 36 19.99 31.42 -20.49
CA ALA A 36 20.08 31.39 -21.93
C ALA A 36 19.71 30.01 -22.46
N THR A 37 19.32 29.98 -23.74
CA THR A 37 18.91 28.74 -24.38
C THR A 37 20.11 27.83 -24.60
N GLY A 38 20.16 26.72 -23.88
CA GLY A 38 21.17 25.71 -24.12
C GLY A 38 20.91 24.95 -25.41
N ASP A 39 21.83 24.04 -25.72
CA ASP A 39 21.74 23.28 -26.97
C ASP A 39 20.51 22.38 -27.00
N ASN A 40 20.05 21.90 -25.85
CA ASN A 40 18.89 21.02 -25.78
C ASN A 40 17.69 21.71 -25.13
N ASP A 41 17.69 23.03 -25.06
CA ASP A 41 16.66 23.81 -24.39
C ASP A 41 15.62 24.31 -25.39
N ILE A 42 14.42 24.56 -24.89
CA ILE A 42 13.35 25.16 -25.66
C ILE A 42 12.81 26.35 -24.87
N ARG A 43 12.80 27.52 -25.49
CA ARG A 43 12.15 28.69 -24.92
C ARG A 43 10.67 28.65 -25.28
N ILE A 44 9.81 28.90 -24.29
CA ILE A 44 8.37 28.75 -24.46
C ILE A 44 7.71 30.05 -24.01
N LYS A 45 6.98 30.68 -24.92
CA LYS A 45 6.10 31.78 -24.57
C LYS A 45 4.82 31.20 -23.99
N ILE A 46 4.56 31.47 -22.72
CA ILE A 46 3.44 30.82 -22.03
C ILE A 46 2.13 31.47 -22.42
N LEU A 47 1.17 30.63 -22.83
CA LEU A 47 -0.20 31.06 -23.14
C LEU A 47 -1.15 30.87 -21.95
N TYR A 48 -1.14 29.69 -21.35
CA TYR A 48 -2.05 29.36 -20.27
C TYR A 48 -1.31 28.59 -19.20
N CYS A 49 -1.66 28.83 -17.94
CA CYS A 49 -1.14 28.05 -16.82
C CYS A 49 -2.30 27.65 -15.92
N GLY A 50 -2.52 26.33 -15.79
CA GLY A 50 -3.50 25.85 -14.84
C GLY A 50 -3.02 26.01 -13.41
N ILE A 51 -3.98 26.16 -12.50
CA ILE A 51 -3.71 26.28 -11.07
C ILE A 51 -4.19 25.01 -10.38
N CYS A 52 -3.29 24.38 -9.62
CA CYS A 52 -3.63 23.13 -8.94
C CYS A 52 -3.58 23.34 -7.43
N HIS A 53 -4.09 22.33 -6.72
CA HIS A 53 -4.12 22.43 -5.26
C HIS A 53 -2.72 22.50 -4.67
N THR A 54 -1.71 21.94 -5.33
CA THR A 54 -0.34 22.07 -4.84
C THR A 54 0.13 23.52 -4.87
N ASP A 55 -0.26 24.28 -5.91
CA ASP A 55 0.03 25.72 -5.89
C ASP A 55 -0.57 26.39 -4.67
N LEU A 56 -1.81 26.03 -4.32
CA LEU A 56 -2.46 26.61 -3.14
C LEU A 56 -1.71 26.20 -1.87
N THR A 57 -1.35 24.92 -1.76
CA THR A 57 -0.62 24.46 -0.58
C THR A 57 0.71 25.17 -0.45
N SER A 58 1.41 25.41 -1.57
CA SER A 58 2.63 26.19 -1.54
C SER A 58 2.35 27.61 -1.07
N VAL A 59 1.30 28.22 -1.62
CA VAL A 59 0.95 29.59 -1.27
C VAL A 59 0.54 29.70 0.19
N LYS A 60 -0.04 28.64 0.76
CA LYS A 60 -0.39 28.65 2.17
C LYS A 60 0.79 28.36 3.09
N ASN A 61 2.02 28.36 2.55
CA ASN A 61 3.24 28.22 3.34
C ASN A 61 3.28 26.88 4.08
N GLU A 62 2.88 25.81 3.39
CA GLU A 62 2.85 24.50 4.00
C GLU A 62 3.97 23.58 3.52
N TYR A 63 4.78 24.02 2.56
CA TYR A 63 5.97 23.30 2.11
C TYR A 63 7.20 24.08 2.56
N GLU A 64 7.83 23.61 3.64
CA GLU A 64 8.97 24.32 4.21
C GLU A 64 10.13 24.41 3.20
N PHE A 65 10.35 23.36 2.42
CA PHE A 65 11.54 23.27 1.58
C PHE A 65 11.55 24.24 0.40
N LEU A 66 10.43 24.89 0.09
CA LEU A 66 10.38 25.78 -1.06
C LEU A 66 11.10 27.09 -0.77
N SER A 67 11.77 27.62 -1.78
CA SER A 67 12.46 28.90 -1.66
C SER A 67 11.60 30.02 -2.25
N TYR A 68 11.69 31.19 -1.62
CA TYR A 68 10.94 32.36 -2.00
C TYR A 68 11.88 33.48 -2.41
N PRO A 69 11.50 34.34 -3.37
CA PRO A 69 10.18 34.48 -4.02
C PRO A 69 9.77 33.26 -4.85
N LEU A 70 8.49 32.89 -4.74
CA LEU A 70 7.97 31.66 -5.31
C LEU A 70 7.04 31.99 -6.47
N VAL A 71 7.41 31.55 -7.67
CA VAL A 71 6.53 31.62 -8.84
C VAL A 71 5.94 30.23 -9.04
N PRO A 72 4.68 30.01 -8.66
CA PRO A 72 4.09 28.68 -8.81
C PRO A 72 3.50 28.48 -10.20
N GLY A 73 2.69 27.43 -10.37
CA GLY A 73 2.15 27.11 -11.68
C GLY A 73 2.95 26.02 -12.35
N MET A 74 2.34 24.86 -12.59
CA MET A 74 3.02 23.72 -13.19
C MET A 74 2.15 23.02 -14.23
N GLU A 75 1.21 23.74 -14.85
CA GLU A 75 0.37 23.20 -15.91
C GLU A 75 0.43 24.17 -17.08
N ILE A 76 1.56 24.14 -17.81
CA ILE A 76 1.93 25.18 -18.76
C ILE A 76 1.65 24.71 -20.18
N VAL A 77 0.95 25.55 -20.94
CA VAL A 77 0.79 25.40 -22.38
C VAL A 77 1.33 26.69 -23.03
N GLY A 78 2.12 26.53 -24.08
CA GLY A 78 2.73 27.70 -24.67
C GLY A 78 3.14 27.48 -26.10
N ILE A 79 3.98 28.40 -26.59
CA ILE A 79 4.50 28.38 -27.95
C ILE A 79 6.03 28.38 -27.89
N ALA A 80 6.65 27.47 -28.63
CA ALA A 80 8.10 27.46 -28.74
C ALA A 80 8.57 28.65 -29.55
N THR A 81 9.36 29.52 -28.93
CA THR A 81 9.90 30.70 -29.61
C THR A 81 11.37 30.55 -29.97
N GLU A 82 12.06 29.54 -29.44
CA GLU A 82 13.49 29.36 -29.65
C GLU A 82 13.90 27.96 -29.21
N VAL A 83 14.66 27.25 -30.05
CA VAL A 83 15.15 25.92 -29.72
C VAL A 83 16.66 25.88 -29.92
N GLY A 84 17.33 25.10 -29.06
CA GLY A 84 18.77 24.89 -29.19
C GLY A 84 19.13 24.14 -30.46
N SER A 85 20.43 24.16 -30.76
CA SER A 85 20.91 23.55 -32.00
C SER A 85 20.64 22.05 -32.05
N LYS A 86 20.73 21.38 -30.90
CA LYS A 86 20.55 19.93 -30.86
C LYS A 86 19.08 19.51 -30.78
N VAL A 87 18.15 20.46 -30.69
CA VAL A 87 16.72 20.12 -30.62
C VAL A 87 16.19 19.88 -32.03
N THR A 88 15.52 18.75 -32.22
CA THR A 88 14.99 18.42 -33.54
C THR A 88 13.49 18.12 -33.52
N LYS A 89 12.99 17.52 -32.44
CA LYS A 89 11.61 17.05 -32.43
C LYS A 89 10.59 18.19 -32.42
N ILE A 90 10.98 19.37 -31.99
CA ILE A 90 10.07 20.51 -31.86
C ILE A 90 10.62 21.66 -32.67
N LYS A 91 9.75 22.30 -33.46
CA LYS A 91 10.12 23.42 -34.31
C LYS A 91 9.60 24.73 -33.72
N VAL A 92 10.34 25.82 -33.96
CA VAL A 92 9.90 27.13 -33.52
C VAL A 92 8.50 27.42 -34.04
N GLY A 93 7.66 27.99 -33.18
CA GLY A 93 6.28 28.30 -33.52
C GLY A 93 5.27 27.23 -33.17
N GLU A 94 5.73 26.04 -32.79
CA GLU A 94 4.83 24.95 -32.44
C GLU A 94 4.17 25.19 -31.10
N LYS A 95 2.94 24.68 -30.97
CA LYS A 95 2.27 24.65 -29.68
C LYS A 95 2.88 23.51 -28.84
N VAL A 96 3.30 23.85 -27.62
CA VAL A 96 3.97 22.89 -26.75
C VAL A 96 3.35 22.94 -25.36
N ALA A 97 3.71 21.95 -24.54
CA ALA A 97 3.33 21.91 -23.14
C ALA A 97 4.51 21.39 -22.35
N VAL A 98 4.54 21.72 -21.05
CA VAL A 98 5.64 21.36 -20.18
C VAL A 98 5.17 20.30 -19.19
N ALA A 99 6.03 19.31 -18.95
CA ALA A 99 5.78 18.34 -17.89
C ALA A 99 5.74 19.04 -16.54
N ALA A 100 5.12 18.37 -15.57
CA ALA A 100 5.07 18.87 -14.20
C ALA A 100 6.41 18.81 -13.48
N TYR A 101 7.46 18.34 -14.14
CA TYR A 101 8.79 18.33 -13.56
C TYR A 101 9.79 18.74 -14.64
N LEU A 102 10.95 19.22 -14.21
CA LEU A 102 11.85 19.95 -15.09
C LEU A 102 13.17 19.23 -15.36
N GLY A 103 13.49 18.18 -14.63
CA GLY A 103 14.74 17.48 -14.83
C GLY A 103 14.84 16.27 -13.93
N THR A 104 15.77 15.39 -14.29
CA THR A 104 16.04 14.15 -13.56
C THR A 104 17.54 13.87 -13.61
N CYS A 105 17.97 12.86 -12.85
CA CYS A 105 19.41 12.56 -12.79
C CYS A 105 19.96 12.07 -14.13
N GLY A 106 19.14 11.39 -14.92
CA GLY A 106 19.57 10.87 -16.21
C GLY A 106 20.30 9.54 -16.18
N LYS A 107 20.68 9.03 -15.01
CA LYS A 107 21.49 7.83 -14.90
C LYS A 107 20.80 6.62 -14.29
N CYS A 108 19.83 6.83 -13.39
CA CYS A 108 19.23 5.74 -12.66
C CYS A 108 18.35 4.88 -13.58
N TYR A 109 17.85 3.77 -13.03
CA TYR A 109 17.00 2.85 -13.78
C TYR A 109 15.79 3.57 -14.36
N ASN A 110 15.14 4.39 -13.55
CA ASN A 110 13.92 5.08 -14.00
C ASN A 110 14.20 5.98 -15.19
N CYS A 111 15.28 6.76 -15.13
CA CYS A 111 15.60 7.68 -16.22
C CYS A 111 15.93 6.92 -17.50
N VAL A 112 16.76 5.88 -17.39
CA VAL A 112 17.27 5.18 -18.56
C VAL A 112 16.18 4.38 -19.26
N ASN A 113 15.12 4.00 -18.55
CA ASN A 113 14.02 3.25 -19.13
C ASN A 113 12.77 4.10 -19.34
N ASP A 114 12.92 5.43 -19.33
CA ASP A 114 11.83 6.35 -19.65
C ASP A 114 10.68 6.24 -18.65
N LEU A 115 11.02 6.07 -17.38
CA LEU A 115 10.10 6.12 -16.26
C LEU A 115 10.53 7.23 -15.31
N GLU A 116 10.95 8.36 -15.89
CA GLU A 116 11.80 9.30 -15.18
C GLU A 116 11.03 10.16 -14.18
N ASN A 117 9.70 10.20 -14.24
CA ASN A 117 8.95 10.87 -13.18
C ASN A 117 9.20 10.26 -11.81
N TYR A 118 9.66 9.01 -11.76
CA TYR A 118 9.98 8.35 -10.50
C TYR A 118 11.48 8.35 -10.21
N CYS A 119 12.24 9.22 -10.86
CA CYS A 119 13.63 9.43 -10.50
C CYS A 119 13.72 9.93 -9.05
N PRO A 120 14.59 9.36 -8.22
CA PRO A 120 14.74 9.86 -6.85
C PRO A 120 15.21 11.30 -6.79
N GLU A 121 15.86 11.81 -7.83
CA GLU A 121 16.34 13.18 -7.89
C GLU A 121 15.55 14.03 -8.88
N VAL A 122 14.28 13.68 -9.11
CA VAL A 122 13.44 14.47 -10.01
C VAL A 122 13.35 15.91 -9.52
N ILE A 123 13.38 16.85 -10.45
CA ILE A 123 13.34 18.28 -10.15
C ILE A 123 11.92 18.77 -10.39
N ILE A 124 11.24 19.22 -9.33
CA ILE A 124 9.83 19.59 -9.42
C ILE A 124 9.66 20.91 -10.16
N GLY A 125 8.42 21.29 -10.43
CA GLY A 125 8.14 22.37 -11.36
C GLY A 125 8.59 23.75 -10.91
N TYR A 126 8.75 23.96 -9.62
CA TYR A 126 9.16 25.28 -9.14
C TYR A 126 9.64 25.19 -7.69
N GLY A 127 10.42 26.20 -7.29
CA GLY A 127 10.76 26.41 -5.90
C GLY A 127 12.00 25.68 -5.40
N THR A 128 12.64 24.87 -6.23
CA THR A 128 13.83 24.12 -5.86
C THR A 128 14.92 24.36 -6.91
N PRO A 129 16.18 24.02 -6.58
CA PRO A 129 17.28 24.31 -7.53
C PRO A 129 17.21 23.42 -8.76
N TYR A 130 17.57 24.01 -9.91
CA TYR A 130 17.78 23.29 -11.15
C TYR A 130 19.20 22.70 -11.16
N HIS A 131 19.55 22.02 -12.26
CA HIS A 131 20.91 21.49 -12.43
C HIS A 131 21.98 22.58 -12.31
N ASP A 132 21.65 23.83 -12.64
CA ASP A 132 22.60 24.93 -12.54
C ASP A 132 22.59 25.61 -11.18
N GLY A 133 21.87 25.06 -10.21
CA GLY A 133 21.84 25.57 -8.85
C GLY A 133 20.90 26.72 -8.59
N THR A 134 20.20 27.22 -9.60
CA THR A 134 19.27 28.34 -9.44
C THR A 134 17.85 27.83 -9.23
N ILE A 135 17.09 28.60 -8.43
CA ILE A 135 15.71 28.22 -8.11
C ILE A 135 14.85 28.29 -9.35
N ASN A 136 13.97 27.30 -9.52
CA ASN A 136 13.08 27.27 -10.67
C ASN A 136 11.85 28.13 -10.43
N TYR A 137 11.48 28.91 -11.44
CA TYR A 137 10.25 29.68 -11.44
C TYR A 137 9.25 29.00 -12.37
N GLY A 138 8.00 28.90 -11.90
CA GLY A 138 6.98 28.14 -12.58
C GLY A 138 6.27 28.89 -13.68
N GLY A 139 5.02 28.50 -13.93
CA GLY A 139 4.28 28.91 -15.11
C GLY A 139 3.54 30.22 -15.02
N LEU A 140 3.46 30.84 -13.85
CA LEU A 140 2.84 32.18 -13.74
C LEU A 140 3.85 33.24 -14.15
N SER A 141 4.28 33.15 -15.39
CA SER A 141 5.34 33.99 -15.92
C SER A 141 5.19 34.09 -17.43
N ASN A 142 5.92 35.04 -18.03
CA ASN A 142 5.72 35.31 -19.45
C ASN A 142 6.36 34.25 -20.34
N GLU A 143 7.47 33.64 -19.91
CA GLU A 143 8.17 32.67 -20.71
C GLU A 143 8.92 31.74 -19.77
N THR A 144 9.25 30.55 -20.27
CA THR A 144 10.08 29.61 -19.53
C THR A 144 11.06 28.95 -20.50
N VAL A 145 12.09 28.33 -19.92
CA VAL A 145 13.11 27.58 -20.64
C VAL A 145 13.15 26.17 -20.06
N VAL A 146 12.97 25.17 -20.91
CA VAL A 146 12.87 23.78 -20.46
C VAL A 146 13.73 22.90 -21.35
N ASN A 147 14.42 21.95 -20.74
CA ASN A 147 15.08 20.90 -21.51
C ASN A 147 14.06 20.13 -22.33
N GLU A 148 14.43 19.83 -23.58
CA GLU A 148 13.47 19.30 -24.55
C GLU A 148 12.84 17.98 -24.11
N ARG A 149 13.53 17.19 -23.29
CA ARG A 149 12.95 15.92 -22.85
C ARG A 149 11.64 16.13 -22.11
N PHE A 150 11.47 17.27 -21.47
CA PHE A 150 10.31 17.54 -20.64
C PHE A 150 9.31 18.49 -21.31
N VAL A 151 9.42 18.63 -22.63
CA VAL A 151 8.48 19.43 -23.42
C VAL A 151 7.70 18.48 -24.32
N LEU A 152 6.38 18.65 -24.35
CA LEU A 152 5.49 17.81 -25.14
C LEU A 152 4.96 18.60 -26.33
N ARG A 153 4.60 17.88 -27.39
CA ARG A 153 3.93 18.49 -28.53
C ARG A 153 2.44 18.55 -28.24
N PHE A 154 1.87 19.76 -28.31
CA PHE A 154 0.47 19.95 -27.93
C PHE A 154 -0.42 19.73 -29.15
N PRO A 155 -1.35 18.78 -29.11
CA PRO A 155 -2.18 18.50 -30.28
C PRO A 155 -2.96 19.71 -30.77
N GLU A 156 -3.04 19.84 -32.10
CA GLU A 156 -3.77 20.95 -32.72
C GLU A 156 -5.24 20.93 -32.32
N LYS A 157 -5.83 19.74 -32.20
CA LYS A 157 -7.26 19.61 -31.94
C LYS A 157 -7.65 19.91 -30.50
N LEU A 158 -6.69 20.17 -29.62
CA LEU A 158 -6.95 20.32 -28.19
C LEU A 158 -6.99 21.79 -27.80
N SER A 159 -8.01 22.18 -27.05
CA SER A 159 -8.09 23.52 -26.49
C SER A 159 -6.86 23.81 -25.65
N PRO A 160 -6.10 24.87 -25.92
CA PRO A 160 -4.96 25.19 -25.06
C PRO A 160 -5.36 25.47 -23.62
N ALA A 161 -6.46 26.19 -23.40
CA ALA A 161 -6.88 26.48 -22.03
C ALA A 161 -7.43 25.25 -21.34
N GLY A 162 -8.38 24.56 -21.99
CA GLY A 162 -8.96 23.35 -21.42
C GLY A 162 -7.99 22.18 -21.31
N GLY A 163 -6.95 22.17 -22.15
CA GLY A 163 -5.96 21.13 -22.07
C GLY A 163 -4.86 21.36 -21.05
N ALA A 164 -4.70 22.61 -20.59
CA ALA A 164 -3.61 22.92 -19.68
C ALA A 164 -3.63 22.10 -18.39
N PRO A 165 -4.78 21.88 -17.72
CA PRO A 165 -4.76 21.05 -16.50
C PRO A 165 -4.45 19.58 -16.76
N LEU A 166 -4.41 19.14 -18.01
CA LEU A 166 -3.98 17.78 -18.29
C LEU A 166 -2.52 17.55 -17.92
N LEU A 167 -1.72 18.61 -17.84
CA LEU A 167 -0.27 18.45 -17.65
C LEU A 167 0.13 18.08 -16.24
N SER A 168 -0.75 18.21 -15.26
CA SER A 168 -0.44 17.69 -13.93
C SER A 168 -1.60 16.86 -13.39
N ALA A 169 -2.79 17.45 -13.29
CA ALA A 169 -3.95 16.68 -12.82
C ALA A 169 -4.31 15.57 -13.80
N GLY A 170 -4.37 15.90 -15.10
CA GLY A 170 -4.79 14.91 -16.08
C GLY A 170 -3.85 13.72 -16.17
N ILE A 171 -2.54 13.98 -16.23
CA ILE A 171 -1.57 12.90 -16.39
C ILE A 171 -1.51 12.04 -15.13
N THR A 172 -1.71 12.65 -13.95
CA THR A 172 -1.72 11.88 -12.71
C THR A 172 -2.84 10.84 -12.72
N ALA A 173 -4.04 11.25 -13.14
CA ALA A 173 -5.16 10.32 -13.23
C ALA A 173 -4.94 9.30 -14.34
N TYR A 174 -4.53 9.76 -15.51
CA TYR A 174 -4.34 8.88 -16.66
C TYR A 174 -3.29 7.80 -16.37
N SER A 175 -2.13 8.21 -15.85
CA SER A 175 -1.05 7.25 -15.61
C SER A 175 -1.45 6.24 -14.54
N ALA A 176 -2.02 6.71 -13.43
CA ALA A 176 -2.45 5.79 -12.37
C ALA A 176 -3.40 4.73 -12.92
N MET A 177 -4.31 5.12 -13.81
CA MET A 177 -5.26 4.16 -14.38
C MET A 177 -4.57 3.23 -15.36
N ARG A 178 -3.74 3.79 -16.24
CA ARG A 178 -3.04 2.96 -17.22
C ARG A 178 -2.06 1.99 -16.57
N ASN A 179 -1.33 2.46 -15.55
CA ASN A 179 -0.30 1.62 -14.94
C ASN A 179 -0.88 0.45 -14.16
N HIS A 180 -2.12 0.56 -13.67
CA HIS A 180 -2.68 -0.47 -12.81
C HIS A 180 -3.91 -1.13 -13.42
N GLY A 181 -4.05 -1.06 -14.74
CA GLY A 181 -5.12 -1.76 -15.42
C GLY A 181 -6.51 -1.30 -15.06
N LEU A 182 -6.67 -0.03 -14.66
CA LEU A 182 -7.98 0.54 -14.39
C LEU A 182 -8.56 1.25 -15.61
N ASP A 183 -8.24 0.76 -16.81
CA ASP A 183 -8.60 1.41 -18.06
C ASP A 183 -9.35 0.47 -19.00
N LYS A 184 -9.98 -0.56 -18.46
CA LYS A 184 -10.64 -1.58 -19.26
C LYS A 184 -12.10 -1.72 -18.86
N PRO A 185 -13.01 -1.85 -19.83
CA PRO A 185 -14.41 -2.11 -19.49
C PRO A 185 -14.52 -3.34 -18.60
N GLY A 186 -15.46 -3.30 -17.67
CA GLY A 186 -15.62 -4.35 -16.69
C GLY A 186 -15.12 -3.98 -15.31
N ILE A 187 -14.29 -2.95 -15.21
CA ILE A 187 -13.72 -2.49 -13.95
C ILE A 187 -14.71 -1.56 -13.27
N HIS A 188 -14.93 -1.75 -11.98
CA HIS A 188 -15.69 -0.81 -11.16
C HIS A 188 -14.71 0.03 -10.37
N LEU A 189 -14.60 1.31 -10.72
CA LEU A 189 -13.64 2.23 -10.13
C LEU A 189 -14.34 3.28 -9.26
N GLY A 190 -13.78 3.53 -8.09
CA GLY A 190 -14.23 4.62 -7.24
C GLY A 190 -13.25 5.78 -7.30
N VAL A 191 -13.79 6.99 -7.30
CA VAL A 191 -12.99 8.22 -7.31
C VAL A 191 -13.37 9.02 -6.07
N VAL A 192 -12.43 9.15 -5.13
CA VAL A 192 -12.65 9.87 -3.89
C VAL A 192 -12.19 11.32 -4.06
N GLY A 193 -13.11 12.26 -3.83
CA GLY A 193 -12.80 13.66 -3.97
C GLY A 193 -13.05 14.14 -5.38
N LEU A 194 -13.90 15.15 -5.53
CA LEU A 194 -14.26 15.65 -6.85
C LEU A 194 -13.73 17.06 -7.00
N GLY A 195 -12.40 17.17 -7.08
CA GLY A 195 -11.75 18.42 -7.39
C GLY A 195 -11.15 18.37 -8.78
N GLY A 196 -10.05 19.10 -8.99
CA GLY A 196 -9.42 19.10 -10.30
C GLY A 196 -9.00 17.72 -10.74
N LEU A 197 -8.23 17.03 -9.89
CA LEU A 197 -7.77 15.68 -10.21
C LEU A 197 -8.95 14.72 -10.36
N GLY A 198 -9.90 14.76 -9.42
CA GLY A 198 -11.01 13.81 -9.43
C GLY A 198 -11.90 13.95 -10.65
N HIS A 199 -12.20 15.19 -11.05
CA HIS A 199 -13.11 15.38 -12.19
C HIS A 199 -12.46 14.92 -13.48
N LEU A 200 -11.13 15.00 -13.57
CA LEU A 200 -10.44 14.46 -14.73
C LEU A 200 -10.33 12.94 -14.67
N ALA A 201 -10.22 12.38 -13.46
CA ALA A 201 -10.23 10.93 -13.31
C ALA A 201 -11.54 10.34 -13.83
N VAL A 202 -12.67 11.00 -13.53
CA VAL A 202 -13.96 10.53 -14.03
C VAL A 202 -14.02 10.61 -15.56
N LYS A 203 -13.57 11.72 -16.13
CA LYS A 203 -13.64 11.87 -17.58
C LYS A 203 -12.78 10.82 -18.29
N PHE A 204 -11.57 10.58 -17.79
CA PHE A 204 -10.70 9.59 -18.44
C PHE A 204 -11.27 8.18 -18.29
N ALA A 205 -11.83 7.86 -17.13
CA ALA A 205 -12.37 6.53 -16.91
C ALA A 205 -13.59 6.27 -17.78
N LYS A 206 -14.45 7.28 -17.95
CA LYS A 206 -15.57 7.12 -18.87
C LYS A 206 -15.09 6.90 -20.29
N ALA A 207 -14.03 7.60 -20.69
CA ALA A 207 -13.46 7.40 -22.02
C ALA A 207 -12.88 5.99 -22.16
N PHE A 208 -12.42 5.40 -21.06
CA PHE A 208 -11.91 4.03 -21.08
C PHE A 208 -13.01 2.98 -21.07
N GLY A 209 -14.25 3.38 -20.83
CA GLY A 209 -15.33 2.41 -20.67
C GLY A 209 -15.47 1.85 -19.28
N VAL A 210 -14.84 2.48 -18.29
CA VAL A 210 -14.86 2.02 -16.91
C VAL A 210 -16.13 2.52 -16.23
N ARG A 211 -16.73 1.67 -15.39
CA ARG A 211 -17.84 2.07 -14.56
C ARG A 211 -17.31 2.83 -13.34
N VAL A 212 -17.80 4.04 -13.12
CA VAL A 212 -17.23 4.96 -12.13
C VAL A 212 -18.28 5.37 -11.12
N THR A 213 -17.95 5.23 -9.84
CA THR A 213 -18.69 5.83 -8.75
C THR A 213 -17.86 6.96 -8.14
N VAL A 214 -18.45 8.14 -8.04
CA VAL A 214 -17.81 9.25 -7.34
C VAL A 214 -18.12 9.12 -5.86
N ILE A 215 -17.09 9.17 -5.03
CA ILE A 215 -17.22 9.09 -3.58
C ILE A 215 -16.88 10.47 -3.02
N SER A 216 -17.86 11.13 -2.43
CA SER A 216 -17.73 12.53 -2.07
C SER A 216 -18.34 12.78 -0.70
N THR A 217 -17.86 13.83 -0.05
CA THR A 217 -18.46 14.35 1.17
C THR A 217 -19.38 15.54 0.91
N THR A 218 -19.55 15.93 -0.36
CA THR A 218 -20.37 17.08 -0.73
C THR A 218 -21.58 16.62 -1.53
N PRO A 219 -22.74 16.44 -0.90
CA PRO A 219 -23.91 15.93 -1.64
C PRO A 219 -24.37 16.83 -2.77
N SER A 220 -24.12 18.14 -2.69
CA SER A 220 -24.53 19.02 -3.78
C SER A 220 -23.74 18.79 -5.06
N LYS A 221 -22.70 17.95 -5.03
CA LYS A 221 -21.90 17.64 -6.21
C LYS A 221 -22.47 16.49 -7.02
N LYS A 222 -23.55 15.85 -6.56
CA LYS A 222 -24.12 14.70 -7.25
C LYS A 222 -24.48 15.04 -8.69
N ASP A 223 -25.14 16.18 -8.90
CA ASP A 223 -25.61 16.53 -10.24
C ASP A 223 -24.45 16.74 -11.20
N GLU A 224 -23.43 17.49 -10.76
CA GLU A 224 -22.23 17.64 -11.56
C GLU A 224 -21.58 16.29 -11.86
N ALA A 225 -21.50 15.42 -10.85
CA ALA A 225 -20.85 14.13 -11.02
C ALA A 225 -21.57 13.28 -12.06
N ILE A 226 -22.90 13.18 -11.96
CA ILE A 226 -23.66 12.31 -12.84
C ILE A 226 -23.95 12.99 -14.17
N ASN A 227 -24.54 14.19 -14.12
CA ASN A 227 -25.01 14.83 -15.36
C ASN A 227 -23.86 15.39 -16.19
N ASN A 228 -22.90 16.07 -15.55
CA ASN A 228 -21.86 16.75 -16.32
C ASN A 228 -20.66 15.85 -16.59
N LEU A 229 -20.19 15.13 -15.58
CA LEU A 229 -19.03 14.27 -15.76
C LEU A 229 -19.38 12.90 -16.28
N GLY A 230 -20.63 12.46 -16.12
CA GLY A 230 -21.04 11.17 -16.64
C GLY A 230 -20.72 9.99 -15.74
N ALA A 231 -20.55 10.22 -14.44
CA ALA A 231 -20.31 9.12 -13.53
C ALA A 231 -21.55 8.23 -13.44
N ASP A 232 -21.32 6.93 -13.28
CA ASP A 232 -22.42 5.98 -13.21
C ASP A 232 -23.15 6.02 -11.89
N ALA A 233 -22.50 6.46 -10.81
CA ALA A 233 -23.15 6.52 -9.51
C ALA A 233 -22.44 7.54 -8.63
N PHE A 234 -23.12 7.96 -7.57
CA PHE A 234 -22.62 8.93 -6.62
C PHE A 234 -22.83 8.35 -5.23
N LEU A 235 -21.75 8.32 -4.44
CA LEU A 235 -21.77 7.73 -3.10
C LEU A 235 -21.47 8.84 -2.10
N PHE A 236 -22.47 9.20 -1.30
CA PHE A 236 -22.26 10.14 -0.21
C PHE A 236 -21.57 9.41 0.94
N SER A 237 -20.34 9.81 1.26
CA SER A 237 -19.52 9.04 2.19
C SER A 237 -19.99 9.15 3.63
N ARG A 238 -20.84 10.11 3.96
CA ARG A 238 -21.39 10.20 5.30
C ARG A 238 -22.67 9.40 5.46
N ASP A 239 -23.21 8.85 4.37
CA ASP A 239 -24.40 7.99 4.42
C ASP A 239 -23.96 6.57 4.76
N ASP A 240 -24.15 6.18 6.01
CA ASP A 240 -23.74 4.85 6.45
C ASP A 240 -24.44 3.74 5.68
N LYS A 241 -25.71 3.97 5.29
CA LYS A 241 -26.43 2.97 4.51
C LYS A 241 -25.81 2.78 3.13
N GLN A 242 -25.50 3.89 2.44
CA GLN A 242 -24.86 3.82 1.13
C GLN A 242 -23.50 3.12 1.23
N MET A 243 -22.71 3.48 2.23
CA MET A 243 -21.37 2.90 2.39
C MET A 243 -21.44 1.39 2.65
N ARG A 244 -22.31 0.97 3.56
CA ARG A 244 -22.42 -0.46 3.86
C ARG A 244 -22.92 -1.25 2.66
N ALA A 245 -23.77 -0.63 1.83
CA ALA A 245 -24.29 -1.33 0.66
C ALA A 245 -23.22 -1.52 -0.42
N ALA A 246 -22.15 -0.73 -0.39
CA ALA A 246 -21.11 -0.79 -1.40
C ALA A 246 -19.88 -1.57 -0.92
N ILE A 247 -19.96 -2.22 0.24
CA ILE A 247 -18.82 -2.97 0.77
C ILE A 247 -18.42 -4.05 -0.21
N GLY A 248 -17.13 -4.09 -0.54
CA GLY A 248 -16.63 -5.14 -1.40
C GLY A 248 -17.04 -5.02 -2.85
N THR A 249 -17.51 -3.85 -3.29
CA THR A 249 -18.02 -3.72 -4.65
C THR A 249 -17.04 -3.06 -5.62
N PHE A 250 -15.92 -2.53 -5.13
CA PHE A 250 -14.97 -1.80 -5.96
C PHE A 250 -13.74 -2.64 -6.24
N ASP A 251 -13.32 -2.66 -7.51
CA ASP A 251 -12.03 -3.27 -7.85
C ASP A 251 -10.88 -2.36 -7.45
N ALA A 252 -11.07 -1.05 -7.59
CA ALA A 252 -10.02 -0.10 -7.23
C ALA A 252 -10.66 1.24 -6.89
N ILE A 253 -9.97 2.00 -6.06
CA ILE A 253 -10.38 3.36 -5.70
C ILE A 253 -9.19 4.28 -5.90
N ILE A 254 -9.41 5.42 -6.56
CA ILE A 254 -8.38 6.44 -6.73
C ILE A 254 -8.70 7.57 -5.76
N ASP A 255 -7.77 7.84 -4.83
CA ASP A 255 -7.99 8.79 -3.75
C ASP A 255 -7.25 10.09 -4.07
N THR A 256 -8.01 11.16 -4.29
CA THR A 256 -7.46 12.45 -4.68
C THR A 256 -7.44 13.48 -3.56
N LEU A 257 -7.91 13.13 -2.37
CA LEU A 257 -8.13 14.12 -1.30
C LEU A 257 -6.80 14.66 -0.77
N ALA A 258 -6.80 15.97 -0.47
CA ALA A 258 -5.65 16.64 0.11
C ALA A 258 -5.78 16.87 1.61
N VAL A 259 -6.80 16.28 2.24
CA VAL A 259 -7.03 16.43 3.67
C VAL A 259 -6.95 15.05 4.32
N VAL A 260 -6.77 15.05 5.64
CA VAL A 260 -6.76 13.80 6.39
C VAL A 260 -8.15 13.20 6.39
N HIS A 261 -8.22 11.89 6.17
CA HIS A 261 -9.50 11.21 6.04
C HIS A 261 -9.32 9.77 6.50
N PRO A 262 -10.39 9.11 6.92
CA PRO A 262 -10.29 7.69 7.30
C PRO A 262 -10.08 6.82 6.07
N ILE A 263 -9.14 5.89 6.18
CA ILE A 263 -8.79 5.02 5.05
C ILE A 263 -9.52 3.69 5.17
N ALA A 264 -9.84 3.29 6.40
CA ALA A 264 -10.51 2.00 6.61
C ALA A 264 -11.85 1.89 5.90
N PRO A 265 -12.75 2.89 5.95
CA PRO A 265 -13.98 2.77 5.16
C PRO A 265 -13.71 2.58 3.68
N LEU A 266 -12.67 3.21 3.14
CA LEU A 266 -12.35 3.03 1.73
C LEU A 266 -11.85 1.62 1.44
N LEU A 267 -11.06 1.06 2.36
CA LEU A 267 -10.59 -0.31 2.18
C LEU A 267 -11.76 -1.29 2.23
N ASP A 268 -12.77 -1.02 3.07
CA ASP A 268 -13.94 -1.90 3.14
C ASP A 268 -14.72 -1.90 1.84
N LEU A 269 -14.71 -0.79 1.10
CA LEU A 269 -15.38 -0.73 -0.19
C LEU A 269 -14.72 -1.62 -1.23
N LEU A 270 -13.45 -1.95 -1.05
CA LEU A 270 -12.73 -2.74 -2.04
C LEU A 270 -13.03 -4.23 -1.87
N ARG A 271 -13.11 -4.94 -2.99
CA ARG A 271 -13.11 -6.38 -2.92
C ARG A 271 -11.74 -6.87 -2.48
N SER A 272 -11.66 -8.16 -2.16
CA SER A 272 -10.37 -8.75 -1.82
C SER A 272 -9.38 -8.52 -2.94
N HIS A 273 -8.15 -8.17 -2.56
CA HIS A 273 -7.03 -7.87 -3.46
C HIS A 273 -7.23 -6.59 -4.25
N GLY A 274 -8.24 -5.79 -3.91
CA GLY A 274 -8.42 -4.49 -4.56
C GLY A 274 -7.31 -3.52 -4.22
N LYS A 275 -7.28 -2.42 -4.97
CA LYS A 275 -6.21 -1.45 -4.90
C LYS A 275 -6.76 -0.09 -4.50
N LEU A 276 -6.10 0.56 -3.54
CA LEU A 276 -6.38 1.95 -3.21
C LEU A 276 -5.19 2.78 -3.70
N VAL A 277 -5.40 3.51 -4.79
CA VAL A 277 -4.34 4.33 -5.39
C VAL A 277 -4.38 5.73 -4.80
N LEU A 278 -3.32 6.11 -4.11
CA LEU A 278 -3.21 7.42 -3.48
C LEU A 278 -2.50 8.38 -4.43
N VAL A 279 -3.20 9.41 -4.88
CA VAL A 279 -2.60 10.46 -5.69
C VAL A 279 -2.69 11.83 -5.06
N GLY A 280 -3.54 12.03 -4.05
CA GLY A 280 -3.52 13.26 -3.29
C GLY A 280 -2.41 13.28 -2.27
N ALA A 281 -1.99 14.49 -1.90
CA ALA A 281 -0.88 14.70 -0.99
C ALA A 281 -1.36 15.46 0.24
N PRO A 282 -1.99 14.78 1.21
CA PRO A 282 -2.32 15.43 2.47
C PRO A 282 -1.06 15.91 3.17
N SER A 283 -1.13 17.14 3.71
CA SER A 283 0.04 17.70 4.38
C SER A 283 0.32 17.00 5.71
N LYS A 284 -0.72 16.47 6.36
CA LYS A 284 -0.62 15.70 7.58
C LYS A 284 -0.67 14.21 7.27
N PRO A 285 -0.13 13.34 8.13
CA PRO A 285 -0.06 11.92 7.80
C PRO A 285 -1.36 11.17 8.07
N LEU A 286 -1.47 10.01 7.41
CA LEU A 286 -2.65 9.17 7.49
C LEU A 286 -2.40 7.96 8.39
N GLU A 287 -3.49 7.37 8.85
CA GLU A 287 -3.46 6.19 9.70
C GLU A 287 -3.70 4.95 8.85
N LEU A 288 -2.86 3.94 9.04
CA LEU A 288 -2.94 2.70 8.25
C LEU A 288 -3.77 1.66 8.99
N PRO A 289 -4.95 1.26 8.46
CA PRO A 289 -5.69 0.17 9.10
C PRO A 289 -5.05 -1.17 8.77
N THR A 290 -4.31 -1.75 9.71
CA THR A 290 -3.54 -2.94 9.39
C THR A 290 -4.44 -4.14 9.12
N ILE A 291 -5.38 -4.42 10.04
CA ILE A 291 -6.22 -5.61 9.91
C ILE A 291 -7.04 -5.62 8.61
N PRO A 292 -7.76 -4.55 8.26
CA PRO A 292 -8.45 -4.58 6.95
C PRO A 292 -7.51 -4.79 5.78
N LEU A 293 -6.33 -4.17 5.80
CA LEU A 293 -5.37 -4.36 4.73
C LEU A 293 -4.90 -5.81 4.66
N LEU A 294 -4.56 -6.39 5.82
CA LEU A 294 -4.07 -7.77 5.84
C LEU A 294 -5.18 -8.75 5.45
N SER A 295 -6.34 -8.65 6.11
CA SER A 295 -7.40 -9.65 5.95
C SER A 295 -7.97 -9.63 4.53
N GLY A 296 -7.96 -8.47 3.87
CA GLY A 296 -8.43 -8.39 2.51
C GLY A 296 -7.38 -8.59 1.46
N GLY A 297 -6.11 -8.73 1.86
CA GLY A 297 -5.03 -8.77 0.89
C GLY A 297 -5.01 -7.55 -0.02
N LYS A 298 -5.29 -6.38 0.54
CA LYS A 298 -5.46 -5.17 -0.25
C LYS A 298 -4.16 -4.38 -0.33
N SER A 299 -4.10 -3.45 -1.29
CA SER A 299 -2.88 -2.71 -1.60
C SER A 299 -3.12 -1.22 -1.51
N LEU A 300 -2.15 -0.51 -0.93
CA LEU A 300 -2.07 0.95 -0.96
C LEU A 300 -0.93 1.32 -1.90
N ILE A 301 -1.25 1.98 -3.01
CA ILE A 301 -0.28 2.26 -4.06
C ILE A 301 -0.19 3.76 -4.26
N GLY A 302 1.04 4.29 -4.20
CA GLY A 302 1.27 5.68 -4.51
C GLY A 302 1.54 5.89 -5.99
N SER A 303 1.10 7.03 -6.50
CA SER A 303 1.34 7.39 -7.90
C SER A 303 1.49 8.91 -8.00
N ALA A 304 2.40 9.35 -8.88
CA ALA A 304 2.69 10.78 -9.03
C ALA A 304 2.89 11.08 -10.52
N ALA A 305 2.03 11.93 -11.07
CA ALA A 305 2.11 12.35 -12.47
C ALA A 305 2.28 11.15 -13.40
N GLY A 306 3.10 11.33 -14.44
CA GLY A 306 3.41 10.25 -15.36
C GLY A 306 4.68 10.60 -16.10
N ASN A 307 5.28 9.59 -16.74
CA ASN A 307 6.50 9.86 -17.50
C ASN A 307 6.17 10.61 -18.79
N VAL A 308 7.20 11.20 -19.40
CA VAL A 308 6.96 12.14 -20.50
C VAL A 308 6.41 11.43 -21.73
N LYS A 309 6.82 10.18 -21.97
CA LYS A 309 6.24 9.43 -23.09
C LYS A 309 4.77 9.12 -22.85
N GLN A 310 4.42 8.77 -21.61
CA GLN A 310 3.03 8.56 -21.24
C GLN A 310 2.22 9.85 -21.33
N THR A 311 2.85 10.99 -21.01
CA THR A 311 2.16 12.28 -21.09
C THR A 311 1.84 12.65 -22.53
N GLN A 312 2.79 12.45 -23.45
CA GLN A 312 2.50 12.68 -24.87
C GLN A 312 1.38 11.78 -25.35
N GLU A 313 1.39 10.52 -24.93
CA GLU A 313 0.32 9.59 -25.29
C GLU A 313 -1.01 10.05 -24.73
N MET A 314 -1.02 10.56 -23.49
CA MET A 314 -2.25 11.08 -22.91
C MET A 314 -2.80 12.26 -23.71
N LEU A 315 -1.93 13.20 -24.10
CA LEU A 315 -2.39 14.37 -24.84
C LEU A 315 -3.04 13.96 -26.17
N ASP A 316 -2.47 12.96 -26.85
CA ASP A 316 -3.06 12.47 -28.09
C ASP A 316 -4.39 11.77 -27.83
N PHE A 317 -4.47 11.01 -26.73
CA PHE A 317 -5.74 10.39 -26.35
C PHE A 317 -6.81 11.44 -26.04
N ALA A 318 -6.43 12.50 -25.31
CA ALA A 318 -7.39 13.54 -24.97
C ALA A 318 -7.88 14.27 -26.21
N ALA A 319 -7.00 14.46 -27.19
CA ALA A 319 -7.40 15.14 -28.42
C ALA A 319 -8.40 14.31 -29.21
N GLU A 320 -8.15 13.00 -29.32
CA GLU A 320 -9.03 12.15 -30.11
C GLU A 320 -10.38 11.92 -29.43
N HIS A 321 -10.43 12.01 -28.10
CA HIS A 321 -11.66 11.76 -27.36
C HIS A 321 -12.27 13.04 -26.79
N ASP A 322 -11.73 14.21 -27.14
CA ASP A 322 -12.21 15.51 -26.68
C ASP A 322 -12.37 15.54 -25.16
N ILE A 323 -11.27 15.25 -24.47
CA ILE A 323 -11.22 15.31 -23.02
C ILE A 323 -10.49 16.60 -22.64
N THR A 324 -11.21 17.52 -22.01
CA THR A 324 -10.65 18.74 -21.46
C THR A 324 -11.18 18.92 -20.05
N ALA A 325 -10.51 19.77 -19.28
CA ALA A 325 -10.99 20.11 -17.95
C ALA A 325 -12.12 21.13 -18.05
N ASN A 326 -13.01 21.11 -17.06
CA ASN A 326 -14.01 22.17 -16.90
C ASN A 326 -13.33 23.33 -16.19
N ILE A 327 -13.15 24.43 -16.90
CA ILE A 327 -12.23 25.46 -16.44
C ILE A 327 -12.94 26.81 -16.34
N GLU A 328 -12.38 27.66 -15.48
CA GLU A 328 -12.64 29.10 -15.48
C GLU A 328 -11.35 29.81 -15.85
N VAL A 329 -11.35 30.53 -16.98
CA VAL A 329 -10.17 31.27 -17.42
C VAL A 329 -10.13 32.60 -16.67
N ILE A 330 -8.99 32.89 -16.03
CA ILE A 330 -8.88 34.07 -15.18
C ILE A 330 -7.69 34.93 -15.60
N PRO A 331 -7.73 36.22 -15.34
CA PRO A 331 -6.52 37.05 -15.48
C PRO A 331 -5.60 36.87 -14.29
N ILE A 332 -4.32 37.16 -14.51
CA ILE A 332 -3.33 36.85 -13.49
C ILE A 332 -3.57 37.69 -12.24
N ASP A 333 -4.07 38.91 -12.38
CA ASP A 333 -4.27 39.71 -11.17
C ASP A 333 -5.51 39.30 -10.38
N TYR A 334 -6.25 38.30 -10.84
CA TYR A 334 -7.28 37.63 -10.06
C TYR A 334 -6.73 36.49 -9.20
N ILE A 335 -5.43 36.18 -9.31
CA ILE A 335 -4.89 34.93 -8.75
C ILE A 335 -5.12 34.82 -7.25
N ASN A 336 -5.01 35.94 -6.51
CA ASN A 336 -5.15 35.84 -5.06
C ASN A 336 -6.58 35.52 -4.67
N THR A 337 -7.57 36.04 -5.40
CA THR A 337 -8.95 35.70 -5.11
C THR A 337 -9.25 34.26 -5.52
N ALA A 338 -8.72 33.82 -6.66
CA ALA A 338 -8.89 32.44 -7.09
C ALA A 338 -8.33 31.47 -6.05
N MET A 339 -7.21 31.84 -5.42
CA MET A 339 -6.62 30.98 -4.41
C MET A 339 -7.59 30.80 -3.25
N GLU A 340 -8.26 31.89 -2.85
CA GLU A 340 -9.27 31.81 -1.81
C GLU A 340 -10.44 30.94 -2.24
N ARG A 341 -10.91 31.10 -3.47
CA ARG A 341 -12.02 30.27 -3.94
C ARG A 341 -11.61 28.81 -4.03
N LEU A 342 -10.37 28.55 -4.45
CA LEU A 342 -9.88 27.18 -4.48
C LEU A 342 -9.81 26.60 -3.08
N ASP A 343 -9.39 27.41 -2.10
CA ASP A 343 -9.34 26.96 -0.72
C ASP A 343 -10.72 26.56 -0.21
N LYS A 344 -11.76 27.27 -0.62
CA LYS A 344 -13.13 26.98 -0.21
C LYS A 344 -13.82 25.96 -1.11
N GLY A 345 -13.14 25.46 -2.15
CA GLY A 345 -13.79 24.59 -3.11
C GLY A 345 -14.82 25.25 -3.99
N ASP A 346 -14.75 26.58 -4.15
CA ASP A 346 -15.73 27.31 -4.95
C ASP A 346 -15.26 27.42 -6.41
N ILE A 347 -15.07 26.26 -7.03
CA ILE A 347 -14.64 26.19 -8.42
C ILE A 347 -15.00 24.81 -8.97
N ARG A 348 -15.53 24.80 -10.20
CA ARG A 348 -15.98 23.57 -10.87
C ARG A 348 -15.38 23.54 -12.29
N PHE A 349 -14.13 23.08 -12.43
CA PHE A 349 -13.36 22.46 -11.36
C PHE A 349 -11.89 22.93 -11.36
N ARG A 350 -11.53 23.83 -12.28
CA ARG A 350 -10.14 24.23 -12.47
C ARG A 350 -10.04 25.70 -12.86
N PHE A 351 -9.11 26.41 -12.23
CA PHE A 351 -8.70 27.73 -12.70
C PHE A 351 -7.55 27.58 -13.68
N VAL A 352 -7.62 28.33 -14.78
CA VAL A 352 -6.55 28.44 -15.76
C VAL A 352 -6.29 29.91 -16.01
N VAL A 353 -5.04 30.33 -15.84
CA VAL A 353 -4.69 31.75 -16.00
C VAL A 353 -4.35 32.01 -17.46
N ASP A 354 -4.97 33.04 -18.04
CA ASP A 354 -4.62 33.50 -19.39
C ASP A 354 -3.39 34.38 -19.26
N ILE A 355 -2.22 33.79 -19.48
CA ILE A 355 -0.97 34.51 -19.27
C ILE A 355 -0.71 35.51 -20.39
N GLU A 356 -0.88 35.08 -21.64
CA GLU A 356 -0.48 35.92 -22.77
C GLU A 356 -1.23 37.25 -22.78
N ASN A 357 -2.51 37.24 -22.43
CA ASN A 357 -3.33 38.43 -22.59
C ASN A 357 -3.43 39.31 -21.35
N THR A 358 -3.07 38.80 -20.17
CA THR A 358 -3.31 39.54 -18.94
C THR A 358 -2.08 39.81 -18.11
N LEU A 359 -0.92 39.24 -18.44
CA LEU A 359 0.31 39.50 -17.70
C LEU A 359 1.08 40.64 -18.34
N THR A 360 1.49 41.60 -17.51
CA THR A 360 2.33 42.72 -17.90
C THR A 360 3.45 42.88 -16.88
N PRO A 361 4.56 43.50 -17.27
CA PRO A 361 5.69 43.65 -16.32
C PRO A 361 5.32 44.53 -15.14
N PRO A 362 6.05 44.44 -14.03
CA PRO A 362 5.87 45.34 -12.88
C PRO A 362 6.30 46.76 -13.20
N SER B 5 -22.74 -24.88 30.21
CA SER B 5 -21.36 -25.13 30.60
C SER B 5 -20.53 -25.59 29.40
N PRO B 6 -19.25 -25.17 29.37
CA PRO B 6 -18.39 -25.58 28.25
C PRO B 6 -18.30 -27.09 28.08
N GLU B 7 -18.29 -27.84 29.19
CA GLU B 7 -18.17 -29.29 29.10
C GLU B 7 -19.45 -29.96 28.57
N GLU B 8 -20.60 -29.31 28.71
CA GLU B 8 -21.87 -29.86 28.25
C GLU B 8 -22.29 -29.33 26.87
N GLU B 9 -21.61 -28.30 26.36
CA GLU B 9 -22.01 -27.66 25.11
C GLU B 9 -22.04 -28.65 23.95
N HIS B 10 -21.11 -29.59 23.93
CA HIS B 10 -20.91 -30.55 22.86
C HIS B 10 -20.81 -31.95 23.45
N PRO B 11 -20.98 -33.00 22.62
CA PRO B 11 -21.02 -34.37 23.19
C PRO B 11 -19.67 -34.92 23.62
N VAL B 12 -18.57 -34.57 22.96
CA VAL B 12 -17.26 -35.20 23.22
C VAL B 12 -16.44 -34.32 24.15
N LYS B 13 -15.97 -34.91 25.25
CA LYS B 13 -15.21 -34.16 26.25
C LYS B 13 -13.81 -33.82 25.73
N ALA B 14 -13.32 -32.65 26.15
CA ALA B 14 -11.98 -32.21 25.80
C ALA B 14 -11.42 -31.38 26.95
N TYR B 15 -10.11 -31.15 26.90
CA TYR B 15 -9.45 -30.39 27.94
C TYR B 15 -8.22 -29.69 27.38
N GLY B 16 -7.85 -28.58 28.01
CA GLY B 16 -6.67 -27.84 27.63
C GLY B 16 -6.34 -26.74 28.62
N TRP B 17 -5.73 -25.66 28.16
CA TRP B 17 -5.48 -24.49 28.99
C TRP B 17 -6.12 -23.27 28.34
N ALA B 18 -6.69 -22.40 29.16
CA ALA B 18 -7.47 -21.29 28.67
C ALA B 18 -7.25 -20.06 29.54
N VAL B 19 -7.39 -18.89 28.92
CA VAL B 19 -7.51 -17.63 29.66
C VAL B 19 -8.95 -17.54 30.14
N LYS B 20 -9.17 -17.77 31.43
CA LYS B 20 -10.51 -17.67 31.98
C LYS B 20 -10.88 -16.22 32.29
N ASP B 21 -9.92 -15.44 32.78
CA ASP B 21 -10.13 -14.03 33.13
C ASP B 21 -9.35 -13.19 32.12
N ARG B 22 -10.08 -12.57 31.18
CA ARG B 22 -9.43 -11.85 30.09
C ARG B 22 -8.61 -10.67 30.58
N THR B 23 -8.86 -10.20 31.81
CA THR B 23 -8.18 -9.02 32.31
C THR B 23 -6.77 -9.32 32.80
N THR B 24 -6.48 -10.58 33.14
CA THR B 24 -5.14 -10.98 33.58
C THR B 24 -4.33 -11.67 32.49
N GLY B 25 -4.98 -12.39 31.57
CA GLY B 25 -4.27 -13.10 30.52
C GLY B 25 -3.60 -14.39 30.97
N ILE B 26 -3.88 -14.85 32.18
CA ILE B 26 -3.23 -16.04 32.72
C ILE B 26 -4.01 -17.26 32.27
N LEU B 27 -3.30 -18.24 31.71
CA LEU B 27 -3.89 -19.50 31.31
C LEU B 27 -3.87 -20.50 32.46
N SER B 28 -4.91 -21.33 32.53
CA SER B 28 -5.04 -22.35 33.56
C SER B 28 -5.77 -23.54 32.95
N PRO B 29 -5.65 -24.72 33.55
CA PRO B 29 -6.35 -25.90 33.01
C PRO B 29 -7.85 -25.64 32.85
N PHE B 30 -8.42 -26.22 31.79
CA PHE B 30 -9.77 -25.85 31.36
C PHE B 30 -10.42 -27.07 30.72
N LYS B 31 -11.60 -27.44 31.22
CA LYS B 31 -12.38 -28.53 30.66
C LYS B 31 -13.45 -27.97 29.74
N PHE B 32 -13.65 -28.64 28.62
CA PHE B 32 -14.67 -28.20 27.66
C PHE B 32 -15.08 -29.41 26.82
N SER B 33 -15.70 -29.14 25.67
CA SER B 33 -16.19 -30.22 24.83
C SER B 33 -16.10 -29.81 23.37
N ARG B 34 -16.08 -30.81 22.49
CA ARG B 34 -16.02 -30.57 21.06
C ARG B 34 -17.12 -31.37 20.35
N ARG B 35 -17.57 -30.83 19.22
CA ARG B 35 -18.65 -31.43 18.45
C ARG B 35 -18.30 -32.85 18.00
N ALA B 36 -19.35 -33.64 17.76
CA ALA B 36 -19.18 -34.94 17.16
C ALA B 36 -18.63 -34.82 15.74
N THR B 37 -18.04 -35.91 15.25
CA THR B 37 -17.44 -35.93 13.92
C THR B 37 -18.54 -35.90 12.86
N GLY B 38 -18.63 -34.80 12.12
CA GLY B 38 -19.52 -34.72 10.99
C GLY B 38 -19.02 -35.56 9.82
N ASP B 39 -19.81 -35.54 8.74
CA ASP B 39 -19.49 -36.35 7.57
C ASP B 39 -18.16 -35.93 6.93
N ASN B 40 -17.82 -34.64 7.00
CA ASN B 40 -16.60 -34.12 6.40
C ASN B 40 -15.58 -33.68 7.44
N ASP B 41 -15.70 -34.16 8.67
CA ASP B 41 -14.84 -33.74 9.77
C ASP B 41 -13.71 -34.74 9.98
N ILE B 42 -12.61 -34.25 10.56
CA ILE B 42 -11.50 -35.08 10.98
C ILE B 42 -11.19 -34.75 12.44
N ARG B 43 -11.19 -35.77 13.29
CA ARG B 43 -10.75 -35.63 14.67
C ARG B 43 -9.24 -35.78 14.73
N ILE B 44 -8.58 -34.87 15.46
CA ILE B 44 -7.12 -34.80 15.46
C ILE B 44 -6.63 -34.82 16.90
N LYS B 45 -5.80 -35.82 17.23
CA LYS B 45 -5.08 -35.82 18.49
C LYS B 45 -3.87 -34.90 18.37
N ILE B 46 -3.86 -33.82 19.14
CA ILE B 46 -2.83 -32.79 18.99
C ILE B 46 -1.53 -33.26 19.61
N LEU B 47 -0.45 -33.18 18.83
CA LEU B 47 0.90 -33.50 19.30
C LEU B 47 1.67 -32.26 19.72
N TYR B 48 1.68 -31.23 18.87
CA TYR B 48 2.44 -30.01 19.11
C TYR B 48 1.59 -28.82 18.69
N CYS B 49 1.72 -27.71 19.43
CA CYS B 49 1.09 -26.45 19.05
C CYS B 49 2.10 -25.33 19.16
N GLY B 50 2.40 -24.69 18.04
CA GLY B 50 3.26 -23.53 18.06
C GLY B 50 2.57 -22.35 18.71
N ILE B 51 3.37 -21.47 19.31
CA ILE B 51 2.90 -20.25 19.95
C ILE B 51 3.35 -19.07 19.11
N CYS B 52 2.41 -18.24 18.71
CA CYS B 52 2.67 -17.09 17.86
C CYS B 52 2.36 -15.77 18.57
N HIS B 53 2.83 -14.66 17.99
CA HIS B 53 2.60 -13.37 18.64
C HIS B 53 1.12 -13.02 18.71
N THR B 54 0.31 -13.54 17.80
CA THR B 54 -1.13 -13.30 17.90
C THR B 54 -1.70 -13.96 19.16
N ASP B 55 -1.20 -15.14 19.53
CA ASP B 55 -1.59 -15.73 20.81
C ASP B 55 -1.26 -14.79 21.96
N LEU B 56 -0.08 -14.18 21.93
CA LEU B 56 0.30 -13.21 22.95
C LEU B 56 -0.60 -11.99 22.92
N THR B 57 -0.87 -11.46 21.72
CA THR B 57 -1.74 -10.29 21.61
C THR B 57 -3.14 -10.60 22.15
N SER B 58 -3.63 -11.81 21.89
CA SER B 58 -4.91 -12.24 22.46
C SER B 58 -4.86 -12.31 23.99
N VAL B 59 -3.81 -12.94 24.55
CA VAL B 59 -3.78 -13.07 26.01
C VAL B 59 -3.60 -11.70 26.67
N LYS B 60 -3.02 -10.72 25.98
CA LYS B 60 -2.94 -9.38 26.53
C LYS B 60 -4.23 -8.57 26.34
N ASN B 61 -5.32 -9.23 25.94
CA ASN B 61 -6.65 -8.62 25.88
C ASN B 61 -6.69 -7.43 24.91
N GLU B 62 -6.05 -7.57 23.75
CA GLU B 62 -5.98 -6.49 22.78
C GLU B 62 -6.91 -6.71 21.59
N TYR B 63 -7.59 -7.85 21.51
CA TYR B 63 -8.60 -8.14 20.49
C TYR B 63 -9.97 -8.17 21.16
N GLU B 64 -10.73 -7.08 20.98
CA GLU B 64 -12.04 -6.97 21.64
C GLU B 64 -12.98 -8.09 21.23
N PHE B 65 -12.92 -8.51 19.96
CA PHE B 65 -13.92 -9.44 19.41
C PHE B 65 -13.80 -10.86 19.95
N LEU B 66 -12.72 -11.21 20.65
CA LEU B 66 -12.56 -12.57 21.13
C LEU B 66 -13.45 -12.83 22.34
N SER B 67 -13.99 -14.05 22.41
CA SER B 67 -14.78 -14.50 23.55
C SER B 67 -13.95 -15.37 24.47
N TYR B 68 -14.25 -15.30 25.77
CA TYR B 68 -13.56 -16.03 26.81
C TYR B 68 -14.52 -16.97 27.55
N PRO B 69 -14.04 -18.13 28.05
CA PRO B 69 -12.65 -18.61 28.12
C PRO B 69 -12.01 -18.83 26.75
N LEU B 70 -10.75 -18.42 26.63
CA LEU B 70 -10.04 -18.38 25.36
C LEU B 70 -8.97 -19.46 25.36
N VAL B 71 -9.10 -20.43 24.46
CA VAL B 71 -8.06 -21.42 24.21
C VAL B 71 -7.33 -21.00 22.94
N PRO B 72 -6.13 -20.43 23.04
CA PRO B 72 -5.42 -20.00 21.84
C PRO B 72 -4.60 -21.12 21.23
N GLY B 73 -3.70 -20.76 20.31
CA GLY B 73 -2.91 -21.75 19.60
C GLY B 73 -3.49 -22.06 18.24
N MET B 74 -2.75 -21.74 17.17
CA MET B 74 -3.23 -21.94 15.81
C MET B 74 -2.15 -22.51 14.91
N GLU B 75 -1.19 -23.25 15.47
CA GLU B 75 -0.12 -23.91 14.72
C GLU B 75 -0.09 -25.37 15.16
N ILE B 76 -1.08 -26.14 14.70
CA ILE B 76 -1.39 -27.46 15.25
C ILE B 76 -0.85 -28.55 14.33
N VAL B 77 -0.12 -29.50 14.89
CA VAL B 77 0.25 -30.75 14.23
C VAL B 77 -0.25 -31.90 15.08
N GLY B 78 -0.86 -32.89 14.45
CA GLY B 78 -1.43 -33.99 15.19
C GLY B 78 -1.60 -35.26 14.39
N ILE B 79 -2.40 -36.17 14.94
CA ILE B 79 -2.70 -37.46 14.32
C ILE B 79 -4.22 -37.57 14.15
N ALA B 80 -4.65 -37.94 12.95
CA ALA B 80 -6.06 -38.20 12.70
C ALA B 80 -6.48 -39.46 13.43
N THR B 81 -7.43 -39.34 14.35
CA THR B 81 -7.96 -40.49 15.07
C THR B 81 -9.34 -40.92 14.60
N GLU B 82 -10.01 -40.11 13.78
CA GLU B 82 -11.36 -40.38 13.33
C GLU B 82 -11.71 -39.48 12.15
N VAL B 83 -12.27 -40.05 11.09
CA VAL B 83 -12.66 -39.29 9.90
C VAL B 83 -14.13 -39.55 9.61
N GLY B 84 -14.81 -38.52 9.10
CA GLY B 84 -16.19 -38.68 8.69
C GLY B 84 -16.31 -39.65 7.53
N SER B 85 -17.56 -40.06 7.27
CA SER B 85 -17.81 -41.07 6.24
C SER B 85 -17.40 -40.56 4.87
N LYS B 86 -17.61 -39.27 4.59
CA LYS B 86 -17.31 -38.70 3.29
C LYS B 86 -15.85 -38.30 3.11
N VAL B 87 -15.02 -38.46 4.14
CA VAL B 87 -13.62 -38.09 4.05
C VAL B 87 -12.85 -39.22 3.38
N THR B 88 -12.05 -38.88 2.36
CA THR B 88 -11.28 -39.87 1.64
C THR B 88 -9.79 -39.52 1.60
N LYS B 89 -9.47 -38.22 1.57
CA LYS B 89 -8.09 -37.81 1.37
C LYS B 89 -7.18 -38.14 2.54
N ILE B 90 -7.74 -38.29 3.75
CA ILE B 90 -6.96 -38.55 4.94
C ILE B 90 -7.51 -39.79 5.65
N LYS B 91 -6.63 -40.69 6.04
CA LYS B 91 -6.97 -41.91 6.75
C LYS B 91 -6.56 -41.83 8.20
N VAL B 92 -7.31 -42.53 9.06
CA VAL B 92 -6.99 -42.58 10.48
C VAL B 92 -5.54 -43.02 10.68
N GLY B 93 -4.86 -42.35 11.61
CA GLY B 93 -3.46 -42.62 11.89
C GLY B 93 -2.48 -41.75 11.13
N GLU B 94 -2.94 -40.99 10.14
CA GLU B 94 -2.06 -40.12 9.39
C GLU B 94 -1.67 -38.90 10.22
N LYS B 95 -0.45 -38.43 10.01
CA LYS B 95 0.00 -37.18 10.60
C LYS B 95 -0.61 -36.02 9.80
N VAL B 96 -1.27 -35.10 10.50
CA VAL B 96 -2.00 -34.02 9.87
C VAL B 96 -1.65 -32.70 10.53
N ALA B 97 -2.03 -31.61 9.86
CA ALA B 97 -1.89 -30.28 10.40
C ALA B 97 -3.15 -29.48 10.07
N VAL B 98 -3.38 -28.43 10.85
CA VAL B 98 -4.58 -27.62 10.72
C VAL B 98 -4.19 -26.25 10.17
N ALA B 99 -4.98 -25.74 9.23
CA ALA B 99 -4.79 -24.37 8.78
C ALA B 99 -5.03 -23.39 9.92
N ALA B 100 -4.52 -22.18 9.76
CA ALA B 100 -4.74 -21.13 10.74
C ALA B 100 -6.17 -20.61 10.78
N TYR B 101 -7.06 -21.15 9.96
CA TYR B 101 -8.47 -20.79 10.01
C TYR B 101 -9.29 -22.05 9.83
N LEU B 102 -10.54 -21.99 10.28
CA LEU B 102 -11.34 -23.19 10.49
C LEU B 102 -12.54 -23.29 9.55
N GLY B 103 -12.89 -22.24 8.84
CA GLY B 103 -14.04 -22.29 7.96
C GLY B 103 -14.18 -20.99 7.18
N THR B 104 -15.02 -21.06 6.15
CA THR B 104 -15.31 -19.93 5.29
C THR B 104 -16.78 -19.99 4.88
N CYS B 105 -17.25 -18.92 4.22
CA CYS B 105 -18.65 -18.84 3.84
C CYS B 105 -19.01 -19.91 2.82
N GLY B 106 -18.06 -20.31 1.97
CA GLY B 106 -18.28 -21.35 0.99
C GLY B 106 -18.94 -20.89 -0.30
N LYS B 107 -19.44 -19.65 -0.36
CA LYS B 107 -20.21 -19.17 -1.49
C LYS B 107 -19.52 -18.08 -2.30
N CYS B 108 -18.69 -17.25 -1.67
CA CYS B 108 -18.09 -16.10 -2.35
C CYS B 108 -17.06 -16.54 -3.37
N TYR B 109 -16.57 -15.56 -4.15
CA TYR B 109 -15.60 -15.85 -5.21
C TYR B 109 -14.34 -16.52 -4.67
N ASN B 110 -13.81 -16.01 -3.55
CA ASN B 110 -12.57 -16.55 -3.00
C ASN B 110 -12.73 -18.02 -2.62
N CYS B 111 -13.85 -18.38 -2.01
CA CYS B 111 -14.05 -19.76 -1.60
C CYS B 111 -14.09 -20.71 -2.78
N VAL B 112 -14.89 -20.38 -3.80
CA VAL B 112 -15.09 -21.31 -4.92
C VAL B 112 -13.85 -21.44 -5.79
N ASN B 113 -12.94 -20.46 -5.75
CA ASN B 113 -11.73 -20.49 -6.55
C ASN B 113 -10.48 -20.82 -5.72
N ASP B 114 -10.66 -21.40 -4.53
CA ASP B 114 -9.54 -21.89 -3.71
C ASP B 114 -8.61 -20.75 -3.29
N LEU B 115 -9.19 -19.60 -2.97
CA LEU B 115 -8.49 -18.47 -2.37
C LEU B 115 -9.14 -18.12 -1.04
N GLU B 116 -9.52 -19.13 -0.27
CA GLU B 116 -10.51 -18.96 0.78
C GLU B 116 -9.97 -18.27 2.02
N ASN B 117 -8.64 -18.16 2.19
CA ASN B 117 -8.11 -17.38 3.30
C ASN B 117 -8.54 -15.92 3.24
N TYR B 118 -8.92 -15.43 2.06
CA TYR B 118 -9.40 -14.06 1.91
C TYR B 118 -10.93 -13.98 1.82
N CYS B 119 -11.63 -15.01 2.26
CA CYS B 119 -13.07 -14.94 2.40
C CYS B 119 -13.43 -13.86 3.42
N PRO B 120 -14.37 -12.97 3.11
CA PRO B 120 -14.76 -11.94 4.09
C PRO B 120 -15.35 -12.51 5.37
N GLU B 121 -15.86 -13.74 5.35
CA GLU B 121 -16.44 -14.38 6.52
C GLU B 121 -15.58 -15.54 7.03
N VAL B 122 -14.27 -15.45 6.81
CA VAL B 122 -13.37 -16.50 7.28
C VAL B 122 -13.46 -16.63 8.79
N ILE B 123 -13.41 -17.87 9.28
CA ILE B 123 -13.50 -18.17 10.70
C ILE B 123 -12.08 -18.43 11.20
N ILE B 124 -11.59 -17.57 12.08
CA ILE B 124 -10.21 -17.63 12.54
C ILE B 124 -10.04 -18.80 13.49
N GLY B 125 -8.80 -19.06 13.90
CA GLY B 125 -8.46 -20.32 14.57
C GLY B 125 -9.11 -20.51 15.93
N TYR B 126 -9.48 -19.43 16.61
CA TYR B 126 -10.06 -19.56 17.94
C TYR B 126 -10.74 -18.25 18.34
N GLY B 127 -11.65 -18.36 19.30
CA GLY B 127 -12.22 -17.20 19.96
C GLY B 127 -13.44 -16.58 19.31
N THR B 128 -13.88 -17.08 18.17
CA THR B 128 -15.06 -16.58 17.47
C THR B 128 -15.99 -17.74 17.15
N PRO B 129 -17.25 -17.47 16.81
CA PRO B 129 -18.21 -18.56 16.58
C PRO B 129 -17.90 -19.35 15.31
N TYR B 130 -18.11 -20.66 15.38
CA TYR B 130 -18.06 -21.54 14.23
C TYR B 130 -19.41 -21.49 13.51
N HIS B 131 -19.56 -22.28 12.44
CA HIS B 131 -20.84 -22.35 11.72
C HIS B 131 -22.01 -22.74 12.63
N ASP B 132 -21.75 -23.50 13.71
CA ASP B 132 -22.81 -23.92 14.62
C ASP B 132 -23.04 -22.93 15.76
N GLY B 133 -22.41 -21.76 15.72
CA GLY B 133 -22.64 -20.73 16.71
C GLY B 133 -21.82 -20.86 17.98
N THR B 134 -21.03 -21.92 18.13
CA THR B 134 -20.24 -22.12 19.34
C THR B 134 -18.82 -21.58 19.14
N ILE B 135 -18.25 -21.07 20.23
CA ILE B 135 -16.92 -20.47 20.17
C ILE B 135 -15.87 -21.55 19.90
N ASN B 136 -14.90 -21.23 19.04
CA ASN B 136 -13.86 -22.19 18.70
C ASN B 136 -12.74 -22.17 19.75
N TYR B 137 -12.30 -23.36 20.13
CA TYR B 137 -11.15 -23.53 21.01
C TYR B 137 -9.95 -23.99 20.19
N GLY B 138 -8.80 -23.37 20.43
CA GLY B 138 -7.62 -23.56 19.61
C GLY B 138 -6.79 -24.77 20.00
N GLY B 139 -5.49 -24.68 19.70
CA GLY B 139 -4.61 -25.83 19.75
C GLY B 139 -4.01 -26.18 21.09
N LEU B 140 -4.19 -25.34 22.12
CA LEU B 140 -3.73 -25.67 23.46
C LEU B 140 -4.76 -26.58 24.14
N SER B 141 -4.95 -27.75 23.53
CA SER B 141 -5.96 -28.71 23.96
C SER B 141 -5.55 -30.10 23.47
N ASN B 142 -6.22 -31.13 24.00
CA ASN B 142 -5.79 -32.50 23.72
C ASN B 142 -6.19 -32.96 22.33
N GLU B 143 -7.30 -32.46 21.79
CA GLU B 143 -7.76 -32.89 20.48
C GLU B 143 -8.62 -31.77 19.89
N THR B 144 -8.77 -31.79 18.57
CA THR B 144 -9.65 -30.86 17.89
C THR B 144 -10.39 -31.58 16.77
N VAL B 145 -11.46 -30.94 16.29
CA VAL B 145 -12.28 -31.43 15.17
C VAL B 145 -12.31 -30.35 14.12
N VAL B 146 -11.92 -30.69 12.89
CA VAL B 146 -11.81 -29.72 11.80
C VAL B 146 -12.44 -30.29 10.54
N ASN B 147 -13.16 -29.45 9.80
CA ASN B 147 -13.61 -29.81 8.46
C ASN B 147 -12.41 -30.15 7.58
N GLU B 148 -12.56 -31.21 6.78
CA GLU B 148 -11.41 -31.78 6.06
C GLU B 148 -10.75 -30.77 5.13
N ARG B 149 -11.49 -29.79 4.63
CA ARG B 149 -10.91 -28.79 3.72
C ARG B 149 -9.76 -28.03 4.38
N PHE B 150 -9.80 -27.90 5.70
CA PHE B 150 -8.83 -27.11 6.45
C PHE B 150 -7.83 -27.99 7.20
N VAL B 151 -7.72 -29.25 6.81
CA VAL B 151 -6.74 -30.18 7.38
C VAL B 151 -5.74 -30.52 6.27
N LEU B 152 -4.45 -30.49 6.61
CA LEU B 152 -3.37 -30.75 5.67
C LEU B 152 -2.71 -32.08 6.00
N ARG B 153 -2.11 -32.70 4.99
CA ARG B 153 -1.29 -33.89 5.20
C ARG B 153 0.13 -33.46 5.57
N PHE B 154 0.60 -33.93 6.72
CA PHE B 154 1.91 -33.52 7.23
C PHE B 154 2.98 -34.49 6.73
N PRO B 155 4.01 -34.00 6.02
CA PRO B 155 5.03 -34.90 5.49
C PRO B 155 5.73 -35.72 6.57
N GLU B 156 5.95 -37.00 6.27
CA GLU B 156 6.60 -37.89 7.23
C GLU B 156 8.01 -37.41 7.58
N LYS B 157 8.76 -36.92 6.60
CA LYS B 157 10.16 -36.56 6.81
C LYS B 157 10.32 -35.25 7.58
N LEU B 158 9.24 -34.57 7.92
CA LEU B 158 9.29 -33.26 8.56
C LEU B 158 9.11 -33.43 10.07
N SER B 159 9.96 -32.77 10.83
CA SER B 159 9.83 -32.74 12.28
C SER B 159 8.46 -32.20 12.68
N PRO B 160 7.66 -32.95 13.44
CA PRO B 160 6.36 -32.40 13.89
C PRO B 160 6.51 -31.16 14.75
N ALA B 161 7.50 -31.13 15.65
CA ALA B 161 7.68 -29.96 16.50
C ALA B 161 8.25 -28.78 15.72
N GLY B 162 9.34 -29.01 14.96
CA GLY B 162 9.92 -27.94 14.17
C GLY B 162 9.05 -27.51 13.00
N GLY B 163 8.17 -28.39 12.53
CA GLY B 163 7.25 -28.04 11.46
C GLY B 163 5.99 -27.35 11.91
N ALA B 164 5.67 -27.41 13.21
CA ALA B 164 4.41 -26.83 13.68
C ALA B 164 4.30 -25.34 13.38
N PRO B 165 5.32 -24.50 13.59
CA PRO B 165 5.18 -23.07 13.26
C PRO B 165 5.03 -22.78 11.77
N LEU B 166 5.21 -23.77 10.90
CA LEU B 166 4.95 -23.55 9.48
C LEU B 166 3.49 -23.26 9.19
N LEU B 167 2.58 -23.67 10.08
CA LEU B 167 1.15 -23.59 9.81
C LEU B 167 0.58 -22.18 9.94
N SER B 168 1.32 -21.25 10.53
CA SER B 168 0.86 -19.86 10.53
C SER B 168 1.99 -18.93 10.10
N ALA B 169 3.12 -18.95 10.81
CA ALA B 169 4.25 -18.12 10.41
C ALA B 169 4.81 -18.56 9.07
N GLY B 170 5.02 -19.86 8.89
CA GLY B 170 5.62 -20.35 7.65
C GLY B 170 4.78 -20.05 6.43
N ILE B 171 3.47 -20.33 6.52
CA ILE B 171 2.60 -20.10 5.36
C ILE B 171 2.44 -18.61 5.09
N THR B 172 2.44 -17.77 6.13
CA THR B 172 2.34 -16.33 5.91
C THR B 172 3.55 -15.82 5.12
N ALA B 173 4.75 -16.27 5.47
CA ALA B 173 5.95 -15.86 4.75
C ALA B 173 5.97 -16.44 3.34
N TYR B 174 5.69 -17.74 3.22
CA TYR B 174 5.73 -18.42 1.93
C TYR B 174 4.73 -17.82 0.95
N SER B 175 3.48 -17.64 1.40
CA SER B 175 2.44 -17.14 0.50
C SER B 175 2.73 -15.71 0.06
N ALA B 176 3.11 -14.84 1.00
CA ALA B 176 3.43 -13.46 0.65
C ALA B 176 4.52 -13.40 -0.41
N MET B 177 5.54 -14.27 -0.31
CA MET B 177 6.62 -14.28 -1.27
C MET B 177 6.17 -14.84 -2.61
N ARG B 178 5.47 -15.96 -2.59
CA ARG B 178 4.99 -16.57 -3.83
C ARG B 178 3.98 -15.67 -4.54
N ASN B 179 3.07 -15.04 -3.79
CA ASN B 179 2.00 -14.25 -4.40
C ASN B 179 2.52 -12.99 -5.06
N HIS B 180 3.66 -12.47 -4.61
CA HIS B 180 4.17 -11.20 -5.12
C HIS B 180 5.54 -11.34 -5.79
N GLY B 181 5.88 -12.56 -6.22
CA GLY B 181 7.10 -12.79 -6.96
C GLY B 181 8.39 -12.49 -6.21
N LEU B 182 8.39 -12.64 -4.89
CA LEU B 182 9.60 -12.48 -4.10
C LEU B 182 10.31 -13.81 -3.89
N ASP B 183 10.21 -14.73 -4.85
CA ASP B 183 10.76 -16.07 -4.74
C ASP B 183 11.70 -16.40 -5.89
N LYS B 184 12.28 -15.40 -6.52
CA LYS B 184 13.14 -15.61 -7.67
C LYS B 184 14.51 -14.98 -7.44
N PRO B 185 15.59 -15.69 -7.77
CA PRO B 185 16.92 -15.08 -7.68
C PRO B 185 16.99 -13.79 -8.48
N GLY B 186 17.78 -12.85 -7.99
CA GLY B 186 17.88 -11.52 -8.55
C GLY B 186 17.17 -10.45 -7.74
N ILE B 187 16.28 -10.86 -6.85
CA ILE B 187 15.54 -9.95 -5.99
C ILE B 187 16.36 -9.66 -4.74
N HIS B 188 16.46 -8.39 -4.35
CA HIS B 188 17.04 -8.02 -3.07
C HIS B 188 15.90 -7.78 -2.09
N LEU B 189 15.77 -8.68 -1.13
CA LEU B 189 14.65 -8.69 -0.19
C LEU B 189 15.12 -8.26 1.19
N GLY B 190 14.33 -7.40 1.82
CA GLY B 190 14.52 -7.03 3.21
C GLY B 190 13.46 -7.71 4.07
N VAL B 191 13.87 -8.19 5.24
CA VAL B 191 12.97 -8.80 6.21
C VAL B 191 13.08 -7.97 7.48
N VAL B 192 12.03 -7.26 7.84
CA VAL B 192 12.04 -6.42 9.03
C VAL B 192 11.51 -7.23 10.21
N GLY B 193 12.33 -7.32 11.26
CA GLY B 193 11.95 -8.07 12.43
C GLY B 193 12.37 -9.53 12.31
N LEU B 194 13.15 -10.00 13.27
CA LEU B 194 13.63 -11.37 13.28
C LEU B 194 13.02 -12.11 14.46
N GLY B 195 11.71 -12.30 14.38
CA GLY B 195 10.99 -13.11 15.34
C GLY B 195 10.58 -14.40 14.68
N GLY B 196 9.45 -14.98 15.09
CA GLY B 196 9.03 -16.24 14.51
C GLY B 196 8.81 -16.14 13.01
N LEU B 197 7.98 -15.18 12.58
CA LEU B 197 7.70 -15.01 11.16
C LEU B 197 8.96 -14.63 10.39
N GLY B 198 9.74 -13.68 10.94
CA GLY B 198 10.90 -13.18 10.23
C GLY B 198 11.95 -14.25 9.98
N HIS B 199 12.24 -15.07 10.99
CA HIS B 199 13.29 -16.07 10.82
C HIS B 199 12.86 -17.15 9.83
N LEU B 200 11.56 -17.41 9.70
CA LEU B 200 11.10 -18.33 8.67
C LEU B 200 11.11 -17.68 7.30
N ALA B 201 10.84 -16.37 7.22
CA ALA B 201 10.95 -15.67 5.95
C ALA B 201 12.37 -15.75 5.38
N VAL B 202 13.37 -15.63 6.24
CA VAL B 202 14.75 -15.77 5.80
C VAL B 202 15.01 -17.17 5.27
N LYS B 203 14.55 -18.19 5.99
CA LYS B 203 14.79 -19.57 5.56
C LYS B 203 14.14 -19.85 4.22
N PHE B 204 12.91 -19.41 4.02
CA PHE B 204 12.22 -19.65 2.75
C PHE B 204 12.88 -18.89 1.61
N ALA B 205 13.31 -17.66 1.87
CA ALA B 205 13.93 -16.87 0.81
C ALA B 205 15.28 -17.44 0.40
N LYS B 206 16.06 -17.93 1.37
CA LYS B 206 17.31 -18.60 1.03
C LYS B 206 17.07 -19.84 0.18
N ALA B 207 16.02 -20.60 0.50
CA ALA B 207 15.67 -21.76 -0.31
C ALA B 207 15.23 -21.35 -1.72
N PHE B 208 14.66 -20.15 -1.86
CA PHE B 208 14.28 -19.63 -3.18
C PHE B 208 15.48 -19.06 -3.94
N GLY B 209 16.63 -18.89 -3.29
CA GLY B 209 17.76 -18.25 -3.92
C GLY B 209 17.75 -16.74 -3.87
N VAL B 210 16.90 -16.15 -3.04
CA VAL B 210 16.79 -14.69 -2.96
C VAL B 210 17.86 -14.14 -2.04
N ARG B 211 18.42 -12.98 -2.41
CA ARG B 211 19.34 -12.27 -1.54
C ARG B 211 18.55 -11.53 -0.46
N VAL B 212 18.89 -11.79 0.80
CA VAL B 212 18.09 -11.32 1.93
C VAL B 212 18.96 -10.51 2.87
N THR B 213 18.48 -9.32 3.23
CA THR B 213 19.02 -8.54 4.33
C THR B 213 18.02 -8.52 5.48
N VAL B 214 18.49 -8.89 6.66
CA VAL B 214 17.68 -8.81 7.86
C VAL B 214 17.78 -7.40 8.43
N ILE B 215 16.64 -6.78 8.68
CA ILE B 215 16.56 -5.43 9.25
C ILE B 215 16.03 -5.56 10.66
N SER B 216 16.85 -5.22 11.65
CA SER B 216 16.54 -5.49 13.05
C SER B 216 16.99 -4.33 13.92
N THR B 217 16.33 -4.19 15.08
CA THR B 217 16.75 -3.26 16.11
C THR B 217 17.62 -3.93 17.18
N THR B 218 17.90 -5.22 17.03
CA THR B 218 18.68 -5.97 18.01
C THR B 218 19.98 -6.42 17.37
N PRO B 219 21.09 -5.70 17.56
CA PRO B 219 22.36 -6.10 16.93
C PRO B 219 22.86 -7.47 17.37
N SER B 220 22.49 -7.95 18.56
CA SER B 220 22.96 -9.26 18.99
C SER B 220 22.40 -10.40 18.14
N LYS B 221 21.44 -10.13 17.27
CA LYS B 221 20.89 -11.15 16.39
C LYS B 221 21.69 -11.31 15.11
N LYS B 222 22.71 -10.48 14.91
CA LYS B 222 23.49 -10.52 13.68
C LYS B 222 24.08 -11.91 13.42
N ASP B 223 24.67 -12.52 14.45
CA ASP B 223 25.36 -13.79 14.25
C ASP B 223 24.40 -14.90 13.85
N GLU B 224 23.28 -15.03 14.55
CA GLU B 224 22.26 -15.99 14.14
C GLU B 224 21.74 -15.68 12.74
N ALA B 225 21.54 -14.40 12.44
CA ALA B 225 21.02 -14.03 11.12
C ALA B 225 21.95 -14.49 10.02
N ILE B 226 23.26 -14.26 10.17
CA ILE B 226 24.21 -14.58 9.12
C ILE B 226 24.62 -16.05 9.18
N ASN B 227 25.12 -16.50 10.34
CA ASN B 227 25.69 -17.84 10.41
C ASN B 227 24.64 -18.94 10.46
N ASN B 228 23.59 -18.75 11.26
CA ASN B 228 22.61 -19.82 11.45
C ASN B 228 21.49 -19.78 10.41
N LEU B 229 20.91 -18.59 10.18
CA LEU B 229 19.80 -18.49 9.23
C LEU B 229 20.26 -18.33 7.79
N GLY B 230 21.49 -17.89 7.57
CA GLY B 230 22.00 -17.76 6.22
C GLY B 230 21.63 -16.48 5.50
N ALA B 231 21.31 -15.42 6.23
CA ALA B 231 21.03 -14.14 5.59
C ALA B 231 22.30 -13.59 4.96
N ASP B 232 22.12 -12.91 3.82
CA ASP B 232 23.27 -12.34 3.12
C ASP B 232 23.79 -11.08 3.79
N ALA B 233 22.97 -10.37 4.55
CA ALA B 233 23.42 -9.15 5.22
C ALA B 233 22.51 -8.86 6.41
N PHE B 234 23.01 -8.00 7.31
CA PHE B 234 22.29 -7.59 8.50
C PHE B 234 22.36 -6.08 8.61
N LEU B 235 21.20 -5.44 8.74
CA LEU B 235 21.08 -3.99 8.79
C LEU B 235 20.52 -3.59 10.15
N PHE B 236 21.33 -2.91 10.94
CA PHE B 236 20.89 -2.34 12.22
C PHE B 236 20.10 -1.07 11.91
N SER B 237 18.80 -1.08 12.19
CA SER B 237 17.94 0.00 11.75
C SER B 237 18.10 1.27 12.57
N ARG B 238 18.73 1.20 13.74
CA ARG B 238 19.01 2.40 14.53
C ARG B 238 20.32 3.06 14.15
N ASP B 239 21.13 2.42 13.30
CA ASP B 239 22.36 3.00 12.79
C ASP B 239 22.01 3.86 11.57
N ASP B 240 21.95 5.18 11.78
CA ASP B 240 21.55 6.08 10.71
C ASP B 240 22.46 5.98 9.49
N LYS B 241 23.75 5.72 9.69
CA LYS B 241 24.67 5.57 8.57
C LYS B 241 24.32 4.34 7.74
N GLN B 242 24.07 3.21 8.41
CA GLN B 242 23.69 1.99 7.71
C GLN B 242 22.37 2.19 6.95
N MET B 243 21.39 2.84 7.57
CA MET B 243 20.11 3.06 6.93
C MET B 243 20.27 3.96 5.71
N ARG B 244 21.02 5.05 5.85
CA ARG B 244 21.24 5.97 4.74
C ARG B 244 21.99 5.30 3.60
N ALA B 245 22.88 4.36 3.92
CA ALA B 245 23.65 3.69 2.89
C ALA B 245 22.82 2.72 2.05
N ALA B 246 21.66 2.29 2.54
CA ALA B 246 20.83 1.32 1.85
C ALA B 246 19.65 1.95 1.12
N ILE B 247 19.61 3.28 1.02
CA ILE B 247 18.48 3.96 0.38
C ILE B 247 18.35 3.51 -1.07
N GLY B 248 17.14 3.08 -1.43
CA GLY B 248 16.88 2.70 -2.81
C GLY B 248 17.50 1.39 -3.25
N THR B 249 17.94 0.55 -2.30
CA THR B 249 18.65 -0.68 -2.65
C THR B 249 17.79 -1.93 -2.57
N PHE B 250 16.55 -1.85 -2.09
CA PHE B 250 15.68 -3.00 -1.89
C PHE B 250 14.60 -3.06 -2.94
N ASP B 251 14.40 -4.24 -3.54
CA ASP B 251 13.27 -4.47 -4.43
C ASP B 251 11.97 -4.63 -3.66
N ALA B 252 12.03 -5.29 -2.51
CA ALA B 252 10.85 -5.51 -1.69
C ALA B 252 11.29 -5.69 -0.25
N ILE B 253 10.40 -5.34 0.67
CA ILE B 253 10.60 -5.54 2.09
C ILE B 253 9.38 -6.24 2.67
N ILE B 254 9.61 -7.27 3.47
CA ILE B 254 8.56 -7.96 4.21
C ILE B 254 8.63 -7.50 5.65
N ASP B 255 7.55 -6.89 6.13
CA ASP B 255 7.52 -6.30 7.46
C ASP B 255 6.76 -7.27 8.35
N THR B 256 7.46 -7.88 9.31
CA THR B 256 6.89 -8.90 10.17
C THR B 256 6.61 -8.39 11.58
N LEU B 257 6.86 -7.13 11.85
CA LEU B 257 6.82 -6.63 13.21
C LEU B 257 5.39 -6.64 13.75
N ALA B 258 5.26 -7.00 15.03
CA ALA B 258 3.98 -6.99 15.72
C ALA B 258 3.83 -5.75 16.60
N VAL B 259 4.76 -4.80 16.49
CA VAL B 259 4.74 -3.56 17.26
C VAL B 259 4.66 -2.38 16.30
N VAL B 260 4.25 -1.24 16.83
CA VAL B 260 4.23 -0.01 16.04
C VAL B 260 5.65 0.46 15.77
N HIS B 261 5.91 0.86 14.53
CA HIS B 261 7.24 1.24 14.09
C HIS B 261 7.10 2.27 12.97
N PRO B 262 8.13 3.09 12.74
CA PRO B 262 8.05 4.04 11.62
C PRO B 262 8.17 3.33 10.29
N ILE B 263 7.27 3.66 9.36
CA ILE B 263 7.25 2.99 8.07
C ILE B 263 7.98 3.81 6.99
N ALA B 264 8.09 5.13 7.17
CA ALA B 264 8.77 5.95 6.16
C ALA B 264 10.22 5.53 5.94
N PRO B 265 11.04 5.26 6.96
CA PRO B 265 12.40 4.76 6.67
C PRO B 265 12.40 3.51 5.83
N LEU B 266 11.43 2.62 6.01
CA LEU B 266 11.38 1.40 5.21
C LEU B 266 11.03 1.72 3.76
N LEU B 267 10.14 2.68 3.53
CA LEU B 267 9.83 3.08 2.17
C LEU B 267 11.05 3.69 1.49
N ASP B 268 11.88 4.42 2.24
CA ASP B 268 13.11 5.00 1.68
C ASP B 268 14.11 3.92 1.26
N LEU B 269 14.10 2.78 1.95
CA LEU B 269 14.99 1.68 1.58
C LEU B 269 14.59 1.06 0.25
N LEU B 270 13.35 1.24 -0.18
CA LEU B 270 12.88 0.62 -1.41
C LEU B 270 13.30 1.44 -2.62
N ARG B 271 13.60 0.75 -3.71
CA ARG B 271 13.73 1.42 -4.99
C ARG B 271 12.34 1.85 -5.46
N SER B 272 12.32 2.68 -6.51
CA SER B 272 11.04 3.08 -7.10
C SER B 272 10.25 1.84 -7.53
N HIS B 273 8.94 1.89 -7.30
CA HIS B 273 7.99 0.81 -7.56
C HIS B 273 8.19 -0.38 -6.64
N GLY B 274 9.02 -0.26 -5.61
CA GLY B 274 9.19 -1.34 -4.66
C GLY B 274 7.91 -1.62 -3.89
N LYS B 275 7.94 -2.75 -3.18
CA LYS B 275 6.78 -3.25 -2.45
C LYS B 275 7.16 -3.39 -0.99
N LEU B 276 6.31 -2.90 -0.11
CA LEU B 276 6.40 -3.15 1.32
C LEU B 276 5.24 -4.09 1.67
N VAL B 277 5.56 -5.36 1.90
CA VAL B 277 4.55 -6.37 2.20
C VAL B 277 4.37 -6.45 3.72
N LEU B 278 3.18 -6.10 4.18
CA LEU B 278 2.86 -6.12 5.60
C LEU B 278 2.23 -7.45 5.98
N VAL B 279 2.91 -8.20 6.83
CA VAL B 279 2.36 -9.45 7.35
C VAL B 279 2.22 -9.44 8.87
N GLY B 280 2.91 -8.57 9.58
CA GLY B 280 2.66 -8.42 11.00
C GLY B 280 1.44 -7.54 11.26
N ALA B 281 0.80 -7.78 12.40
CA ALA B 281 -0.45 -7.09 12.77
C ALA B 281 -0.25 -6.34 14.09
N PRO B 282 0.36 -5.16 14.05
CA PRO B 282 0.43 -4.34 15.26
C PRO B 282 -0.97 -3.97 15.77
N SER B 283 -1.14 -4.07 17.09
CA SER B 283 -2.44 -3.76 17.68
C SER B 283 -2.75 -2.27 17.66
N LYS B 284 -1.73 -1.44 17.72
CA LYS B 284 -1.94 -0.01 17.61
C LYS B 284 -1.75 0.42 16.17
N PRO B 285 -2.33 1.54 15.75
CA PRO B 285 -2.30 1.88 14.33
C PRO B 285 -0.95 2.42 13.90
N LEU B 286 -0.69 2.29 12.60
CA LEU B 286 0.54 2.73 11.98
C LEU B 286 0.30 4.01 11.21
N GLU B 287 1.38 4.75 10.97
CA GLU B 287 1.32 6.02 10.24
C GLU B 287 1.76 5.80 8.80
N LEU B 288 0.93 6.26 7.86
CA LEU B 288 1.24 6.09 6.44
C LEU B 288 1.91 7.36 5.92
N PRO B 289 3.18 7.32 5.54
CA PRO B 289 3.81 8.49 4.91
C PRO B 289 3.49 8.59 3.42
N THR B 290 2.57 9.48 3.06
CA THR B 290 2.10 9.55 1.68
C THR B 290 3.19 10.01 0.73
N ILE B 291 3.93 11.06 1.10
CA ILE B 291 4.92 11.63 0.18
C ILE B 291 5.95 10.60 -0.25
N PRO B 292 6.60 9.84 0.64
CA PRO B 292 7.48 8.76 0.15
C PRO B 292 6.77 7.74 -0.71
N LEU B 293 5.54 7.37 -0.33
CA LEU B 293 4.77 6.42 -1.13
C LEU B 293 4.49 6.99 -2.52
N LEU B 294 4.07 8.26 -2.56
CA LEU B 294 3.75 8.92 -3.83
C LEU B 294 5.01 9.12 -4.70
N SER B 295 6.11 9.56 -4.08
CA SER B 295 7.36 9.95 -4.78
C SER B 295 7.90 8.75 -5.57
N GLY B 296 7.91 7.57 -4.93
CA GLY B 296 8.51 6.36 -5.52
C GLY B 296 7.60 5.45 -6.31
N GLY B 297 6.32 5.80 -6.33
CA GLY B 297 5.36 4.89 -6.89
C GLY B 297 5.40 3.57 -6.17
N LYS B 298 5.53 3.59 -4.84
CA LYS B 298 5.71 2.39 -4.03
C LYS B 298 4.36 1.87 -3.54
N SER B 299 4.36 0.61 -3.10
CA SER B 299 3.15 -0.10 -2.71
C SER B 299 3.26 -0.62 -1.28
N LEU B 300 2.17 -0.49 -0.52
CA LEU B 300 1.98 -1.15 0.76
C LEU B 300 0.95 -2.24 0.57
N ILE B 301 1.36 -3.49 0.74
CA ILE B 301 0.51 -4.64 0.43
C ILE B 301 0.31 -5.48 1.69
N GLY B 302 -0.95 -5.74 2.01
CA GLY B 302 -1.29 -6.64 3.11
C GLY B 302 -1.40 -8.07 2.63
N SER B 303 -1.03 -8.99 3.52
CA SER B 303 -1.14 -10.42 3.24
C SER B 303 -1.41 -11.17 4.54
N ALA B 304 -2.21 -12.22 4.46
CA ALA B 304 -2.61 -12.98 5.64
C ALA B 304 -2.62 -14.46 5.32
N ALA B 305 -1.76 -15.21 6.01
CA ALA B 305 -1.66 -16.67 5.84
C ALA B 305 -1.59 -17.06 4.37
N GLY B 306 -2.25 -18.15 4.02
CA GLY B 306 -2.33 -18.61 2.64
C GLY B 306 -3.50 -19.56 2.52
N ASN B 307 -3.89 -19.84 1.28
CA ASN B 307 -4.99 -20.76 1.08
C ASN B 307 -4.51 -22.20 1.33
N VAL B 308 -5.47 -23.11 1.51
CA VAL B 308 -5.12 -24.46 1.97
C VAL B 308 -4.33 -25.22 0.91
N LYS B 309 -4.60 -24.98 -0.37
CA LYS B 309 -3.79 -25.61 -1.41
C LYS B 309 -2.36 -25.10 -1.36
N GLN B 310 -2.19 -23.79 -1.17
CA GLN B 310 -0.86 -23.22 -1.00
C GLN B 310 -0.19 -23.74 0.26
N THR B 311 -0.98 -24.01 1.32
CA THR B 311 -0.39 -24.52 2.55
C THR B 311 0.16 -25.93 2.36
N GLN B 312 -0.60 -26.79 1.69
CA GLN B 312 -0.09 -28.12 1.35
C GLN B 312 1.17 -28.02 0.50
N GLU B 313 1.16 -27.10 -0.47
CA GLU B 313 2.33 -26.87 -1.30
C GLU B 313 3.52 -26.40 -0.47
N MET B 314 3.28 -25.50 0.49
CA MET B 314 4.34 -25.04 1.37
C MET B 314 4.92 -26.19 2.19
N LEU B 315 4.06 -27.04 2.74
CA LEU B 315 4.54 -28.16 3.56
C LEU B 315 5.42 -29.11 2.77
N ASP B 316 5.05 -29.39 1.52
CA ASP B 316 5.86 -30.27 0.69
C ASP B 316 7.19 -29.61 0.33
N PHE B 317 7.16 -28.30 0.05
CA PHE B 317 8.40 -27.57 -0.18
C PHE B 317 9.32 -27.61 1.04
N ALA B 318 8.74 -27.46 2.23
CA ALA B 318 9.56 -27.48 3.45
C ALA B 318 10.18 -28.86 3.67
N ALA B 319 9.44 -29.92 3.32
CA ALA B 319 9.98 -31.27 3.51
C ALA B 319 11.16 -31.53 2.58
N GLU B 320 11.05 -31.14 1.30
CA GLU B 320 12.11 -31.43 0.35
C GLU B 320 13.33 -30.52 0.56
N HIS B 321 13.15 -29.35 1.16
CA HIS B 321 14.24 -28.41 1.37
C HIS B 321 14.69 -28.32 2.83
N ASP B 322 14.16 -29.19 3.69
CA ASP B 322 14.50 -29.23 5.12
C ASP B 322 14.41 -27.86 5.77
N ILE B 323 13.22 -27.27 5.67
CA ILE B 323 12.93 -25.99 6.32
C ILE B 323 12.12 -26.27 7.57
N THR B 324 12.70 -25.99 8.74
CA THR B 324 11.98 -26.05 10.00
C THR B 324 12.28 -24.78 10.79
N ALA B 325 11.44 -24.51 11.78
CA ALA B 325 11.67 -23.40 12.69
C ALA B 325 12.71 -23.75 13.73
N ASN B 326 13.40 -22.74 14.23
CA ASN B 326 14.26 -22.88 15.41
C ASN B 326 13.38 -22.74 16.65
N ILE B 327 13.21 -23.83 17.39
CA ILE B 327 12.16 -23.90 18.40
C ILE B 327 12.72 -24.27 19.76
N GLU B 328 11.98 -23.87 20.79
CA GLU B 328 12.14 -24.42 22.13
C GLU B 328 10.85 -25.16 22.45
N VAL B 329 10.94 -26.47 22.67
CA VAL B 329 9.77 -27.26 23.02
C VAL B 329 9.50 -27.11 24.51
N ILE B 330 8.27 -26.73 24.85
CA ILE B 330 7.95 -26.41 26.24
C ILE B 330 6.75 -27.25 26.71
N PRO B 331 6.63 -27.52 28.00
CA PRO B 331 5.40 -28.12 28.53
C PRO B 331 4.32 -27.07 28.67
N ILE B 332 3.07 -27.53 28.66
CA ILE B 332 1.97 -26.57 28.60
C ILE B 332 1.90 -25.71 29.86
N ASP B 333 2.30 -26.24 31.02
CA ASP B 333 2.19 -25.42 32.23
C ASP B 333 3.30 -24.38 32.33
N TYR B 334 4.21 -24.33 31.36
CA TYR B 334 5.15 -23.23 31.17
C TYR B 334 4.58 -22.08 30.35
N ILE B 335 3.34 -22.20 29.85
CA ILE B 335 2.84 -21.27 28.83
C ILE B 335 2.84 -19.82 29.32
N ASN B 336 2.54 -19.61 30.61
CA ASN B 336 2.47 -18.24 31.10
C ASN B 336 3.86 -17.60 31.16
N THR B 337 4.88 -18.38 31.49
CA THR B 337 6.24 -17.84 31.46
C THR B 337 6.71 -17.63 30.03
N ALA B 338 6.36 -18.55 29.13
CA ALA B 338 6.71 -18.38 27.72
C ALA B 338 6.09 -17.12 27.14
N MET B 339 4.87 -16.79 27.55
CA MET B 339 4.26 -15.55 27.06
C MET B 339 5.06 -14.34 27.49
N GLU B 340 5.55 -14.35 28.73
CA GLU B 340 6.38 -13.24 29.21
C GLU B 340 7.66 -13.14 28.40
N ARG B 341 8.31 -14.28 28.13
CA ARG B 341 9.53 -14.27 27.34
C ARG B 341 9.26 -13.84 25.90
N LEU B 342 8.12 -14.26 25.34
CA LEU B 342 7.75 -13.83 24.00
C LEU B 342 7.52 -12.33 23.95
N ASP B 343 6.89 -11.78 25.00
CA ASP B 343 6.68 -10.33 25.08
C ASP B 343 7.99 -9.57 25.08
N LYS B 344 9.01 -10.11 25.73
CA LYS B 344 10.33 -9.47 25.80
C LYS B 344 11.23 -9.83 24.62
N GLY B 345 10.76 -10.65 23.69
CA GLY B 345 11.62 -11.14 22.62
C GLY B 345 12.71 -12.10 23.04
N ASP B 346 12.55 -12.77 24.18
CA ASP B 346 13.57 -13.67 24.72
C ASP B 346 13.33 -15.11 24.23
N ILE B 347 13.37 -15.29 22.91
CA ILE B 347 13.18 -16.61 22.32
C ILE B 347 13.75 -16.57 20.90
N ARG B 348 14.46 -17.65 20.53
CA ARG B 348 15.13 -17.78 19.23
C ARG B 348 14.75 -19.12 18.61
N PHE B 349 13.60 -19.19 17.94
CA PHE B 349 12.76 -18.04 17.62
C PHE B 349 11.28 -18.36 17.83
N ARG B 350 10.96 -19.58 18.27
CA ARG B 350 9.59 -20.05 18.38
C ARG B 350 9.43 -20.97 19.57
N PHE B 351 8.34 -20.78 20.32
CA PHE B 351 7.91 -21.74 21.33
C PHE B 351 6.96 -22.73 20.69
N VAL B 352 7.14 -24.01 21.00
CA VAL B 352 6.22 -25.07 20.58
C VAL B 352 5.86 -25.88 21.81
N VAL B 353 4.57 -26.03 22.09
CA VAL B 353 4.11 -26.76 23.26
C VAL B 353 4.00 -28.24 22.91
N ASP B 354 4.61 -29.08 23.74
CA ASP B 354 4.48 -30.53 23.62
C ASP B 354 3.17 -30.93 24.28
N ILE B 355 2.10 -31.05 23.48
CA ILE B 355 0.78 -31.29 24.04
C ILE B 355 0.62 -32.75 24.48
N GLU B 356 1.02 -33.70 23.63
CA GLU B 356 0.73 -35.10 23.92
C GLU B 356 1.40 -35.56 25.21
N ASN B 357 2.61 -35.09 25.49
CA ASN B 357 3.37 -35.61 26.62
C ASN B 357 3.21 -34.79 27.89
N THR B 358 2.70 -33.56 27.80
CA THR B 358 2.68 -32.69 28.97
C THR B 358 1.31 -32.15 29.36
N LEU B 359 0.28 -32.35 28.54
CA LEU B 359 -1.06 -31.88 28.89
C LEU B 359 -1.85 -33.00 29.58
N THR B 360 -2.43 -32.69 30.73
CA THR B 360 -3.29 -33.59 31.48
C THR B 360 -4.56 -32.85 31.89
N PRO B 361 -5.65 -33.59 32.16
CA PRO B 361 -6.92 -32.92 32.54
C PRO B 361 -6.77 -32.21 33.87
N PRO B 362 -7.67 -31.24 34.16
CA PRO B 362 -7.65 -30.52 35.44
C PRO B 362 -8.01 -31.42 36.62
#